data_8SMV
#
_entry.id   8SMV
#
_cell.length_a   1.00
_cell.length_b   1.00
_cell.length_c   1.00
_cell.angle_alpha   90.00
_cell.angle_beta   90.00
_cell.angle_gamma   90.00
#
_symmetry.space_group_name_H-M   'P 1'
#
loop_
_entity.id
_entity.type
_entity.pdbx_description
1 polymer 'G-protein coupled receptor 161'
2 polymer 'Guanine nucleotide-binding protein G(I)/G(S)/G(O) subunit gamma-2'
3 polymer 'Nanobody 35'
4 polymer 'Guanine nucleotide-binding protein G(s) subunit alpha isoforms short'
5 polymer 'Guanine nucleotide-binding protein G(I)/G(S)/G(T) subunit beta-1'
6 non-polymer CHOLESTEROL
#
loop_
_entity_poly.entity_id
_entity_poly.type
_entity_poly.pdbx_seq_one_letter_code
_entity_poly.pdbx_strand_id
1 'polypeptide(L)'
;DYKDDDDASIDMSLNSSLSCRKELSNLTEEEGGEGGVIITQFIAIIVITIFVCLGNLVIVVTLYKKSYLLTLSNKFVFSL
TLSNFLLSVLVLPFVVTSSIRREWIFGVVWCNFSALLYLLISSASMLTLGVIAIDRYYAVLYPMVYPMKITGNRAVMALV
YIWLHSLIGCLPPLFGWSSVEFDEFKWMCVAAWHREPGYTAFWQIWCALFPFLVMLVCYGFIFRVARVKARKVHCGTVVI
VEEDAQRTGRKNSSTSTSSSGSRRNAFQGVVYSANQCKALITILVVLGAFMVTWGPYMVVIASEALWGKSSVSPSLETWA
TWLSFASAVCHPLIYGLWNKTVRKELLGMCFGDRYYREPFVQRQRTSRLFSISNRITDLGLSPHLTALMAGGQPLGHSSS
TGDTGFSCSQDSGTDMMLLEDYTSDDNPPSHCTCPPKRRSSVTFEDEVEQIKEAAKNSILHVKAEVHKSLDSYAASLAKA
IEAEAKINLFGEEALPGVLVTARTVPGGGFGGRRGSRTLVSQRLQLQSIEEGDVLAAEQR
;
R
2 'polypeptide(L)' MASNNTASIAQARKLVEQLKMEANIDRIKVSKAAADLMAYCEAHAKEDPLLTPVPASENPFREKKFFCAIL G
3 'polypeptide(L)'
;QVQLQESGGGLVQPGGSLRLSCAASGFTFSNYKMNWVRQAPGKGLEWVSDISQSGASISYTGSVKGRFTISRDNAKNTLY
LQMNSLKPEDTAVYYCARCPAPFTRDCFDVTSTTYAYRGQGTQVTVSSGSEDQVDPRLIDGK
;
N
4 'polypeptide(L)'
;GGSLEVLFQGPSGNSKTEDQRNEEKAQREANKKIEKQLQKDKQVYRATHRLLLLGADNSGKSTIVKQMRILHGGSGGSGG
TSGIFETKFQVDKVNFHMFDVGGQRDERRKWIQCFNDVTAIIFVVDSSDYNRLQEALNLFKSIWNNRWLRTISVILFLNK
QDLLAEKVLAGKSKIEDYFPEFARYTTPEDATPEPGEDPRVTRAKYFIRDEFLRISTASGDGRHYCYPHFTCAVDTENAR
RIFNDCRDIIQRMHLRQYELL
;
A
5 'polypeptide(L)'
;MHHHHHHLEVLFQGPEDQVDPRLIDGKGSSQSELDQLRQEAEQLKNQIRDARKACADATLSQITNNIDPVGRIQMRTRRT
LRGHLAKIYAMHWGTDSRLLVSASQDGKLIIWDSYTTNKVHAIPLRSSWVMTCAYAPSGNYVACGGLDNICSIYNLKTRE
GNVRVSRELAGHTGYLSCCRFLDDNQIVTSSGDTTCALWDIETGQQTTTFTGHTGDVMSLSLAPDTRLFVSGACDASAKL
WDVREGMCRQTFTGHESDINAICFFPNGNAFATGSDDATCRLFDLRADQELMTYSHDNIICGITSVSFSKSGRLLLAGYD
DFNCNVWDALKADRAGVLAGHDNRVSCLGVTDDGMAVATGSWDSFLKIWN
;
B
#
# COMPACT_ATOMS: atom_id res chain seq x y z
N ILE A 39 -19.90 28.08 -47.30
CA ILE A 39 -20.62 27.09 -46.51
C ILE A 39 -19.61 26.21 -45.77
N THR A 40 -18.41 26.07 -46.32
CA THR A 40 -17.34 25.36 -45.62
C THR A 40 -17.06 26.00 -44.27
N GLN A 41 -17.23 27.31 -44.16
CA GLN A 41 -17.10 27.99 -42.87
C GLN A 41 -18.21 27.57 -41.92
N PHE A 42 -19.46 27.58 -42.40
CA PHE A 42 -20.62 27.53 -41.53
C PHE A 42 -20.62 26.29 -40.65
N ILE A 43 -20.15 25.16 -41.17
CA ILE A 43 -20.10 23.93 -40.37
C ILE A 43 -19.10 24.06 -39.23
N ALA A 44 -18.07 24.90 -39.40
CA ALA A 44 -17.03 25.00 -38.39
C ALA A 44 -17.58 25.50 -37.07
N ILE A 45 -18.54 26.44 -37.10
CA ILE A 45 -19.10 26.94 -35.85
C ILE A 45 -19.85 25.84 -35.13
N ILE A 46 -20.64 25.05 -35.85
CA ILE A 46 -21.38 23.96 -35.20
C ILE A 46 -20.41 22.98 -34.57
N VAL A 47 -19.36 22.61 -35.30
CA VAL A 47 -18.40 21.65 -34.75
C VAL A 47 -17.77 22.21 -33.48
N ILE A 48 -17.31 23.46 -33.55
CA ILE A 48 -16.64 24.09 -32.41
C ILE A 48 -17.60 24.20 -31.23
N THR A 49 -18.85 24.56 -31.49
CA THR A 49 -19.81 24.76 -30.42
C THR A 49 -20.11 23.44 -29.71
N ILE A 50 -20.32 22.36 -30.48
CA ILE A 50 -20.58 21.07 -29.85
C ILE A 50 -19.39 20.63 -29.01
N PHE A 51 -18.17 20.78 -29.54
CA PHE A 51 -17.01 20.39 -28.74
C PHE A 51 -16.90 21.24 -27.48
N VAL A 52 -17.05 22.56 -27.60
CA VAL A 52 -16.87 23.45 -26.46
C VAL A 52 -17.91 23.14 -25.39
N CYS A 53 -19.13 22.82 -25.80
CA CYS A 53 -20.17 22.50 -24.83
C CYS A 53 -19.89 21.18 -24.13
N LEU A 54 -19.73 20.11 -24.92
CA LEU A 54 -19.66 18.77 -24.33
C LEU A 54 -18.40 18.58 -23.51
N GLY A 55 -17.25 19.04 -24.01
CA GLY A 55 -16.01 18.82 -23.29
C GLY A 55 -16.01 19.47 -21.92
N ASN A 56 -16.57 20.67 -21.82
CA ASN A 56 -16.62 21.36 -20.53
C ASN A 56 -17.70 20.77 -19.63
N LEU A 57 -18.83 20.36 -20.23
CA LEU A 57 -19.91 19.78 -19.45
C LEU A 57 -19.46 18.50 -18.76
N VAL A 58 -18.72 17.65 -19.48
CA VAL A 58 -18.24 16.40 -18.90
C VAL A 58 -17.36 16.68 -17.70
N ILE A 59 -16.41 17.61 -17.85
CA ILE A 59 -15.47 17.88 -16.77
C ILE A 59 -16.17 18.46 -15.56
N VAL A 60 -17.09 19.42 -15.78
CA VAL A 60 -17.74 20.07 -14.64
C VAL A 60 -18.63 19.08 -13.91
N VAL A 61 -19.35 18.22 -14.65
CA VAL A 61 -20.17 17.20 -14.01
C VAL A 61 -19.30 16.25 -13.19
N THR A 62 -18.18 15.80 -13.77
CA THR A 62 -17.31 14.86 -13.05
C THR A 62 -16.75 15.49 -11.78
N LEU A 63 -16.34 16.76 -11.87
CA LEU A 63 -15.81 17.44 -10.68
C LEU A 63 -16.90 17.64 -9.63
N TYR A 64 -18.11 18.00 -10.04
CA TYR A 64 -19.18 18.27 -9.08
C TYR A 64 -19.60 17.01 -8.35
N LYS A 65 -19.85 15.92 -9.09
CA LYS A 65 -20.35 14.70 -8.45
C LYS A 65 -19.31 14.12 -7.51
N LYS A 66 -18.06 13.99 -7.97
CA LYS A 66 -16.97 13.45 -7.16
C LYS A 66 -16.29 14.58 -6.39
N SER A 67 -17.00 15.05 -5.36
CA SER A 67 -16.64 16.30 -4.70
C SER A 67 -15.27 16.23 -4.02
N TYR A 68 -14.84 15.03 -3.62
CA TYR A 68 -13.57 14.93 -2.92
C TYR A 68 -12.37 15.25 -3.81
N LEU A 69 -12.56 15.27 -5.13
CA LEU A 69 -11.48 15.63 -6.04
C LEU A 69 -11.17 17.12 -6.05
N LEU A 70 -12.01 17.95 -5.43
CA LEU A 70 -11.80 19.41 -5.42
C LEU A 70 -10.67 19.77 -4.46
N THR A 71 -9.45 19.45 -4.88
CA THR A 71 -8.28 19.84 -4.14
C THR A 71 -8.04 21.34 -4.33
N LEU A 72 -6.91 21.82 -3.78
CA LEU A 72 -6.59 23.24 -3.85
C LEU A 72 -6.39 23.68 -5.29
N SER A 73 -5.77 22.84 -6.12
CA SER A 73 -5.43 23.23 -7.48
C SER A 73 -6.57 22.99 -8.47
N ASN A 74 -7.49 22.08 -8.14
CA ASN A 74 -8.54 21.73 -9.09
C ASN A 74 -9.66 22.76 -9.14
N LYS A 75 -9.72 23.69 -8.19
CA LYS A 75 -10.75 24.72 -8.22
C LYS A 75 -10.55 25.68 -9.39
N PHE A 76 -9.30 25.95 -9.75
CA PHE A 76 -9.04 26.75 -10.94
C PHE A 76 -9.58 26.07 -12.19
N VAL A 77 -9.37 24.76 -12.30
CA VAL A 77 -9.90 24.02 -13.44
C VAL A 77 -11.42 24.05 -13.43
N PHE A 78 -12.02 23.93 -12.24
CA PHE A 78 -13.47 23.96 -12.13
C PHE A 78 -14.01 25.29 -12.65
N SER A 79 -13.44 26.40 -12.20
CA SER A 79 -13.90 27.71 -12.66
C SER A 79 -13.67 27.87 -14.16
N LEU A 80 -12.51 27.43 -14.66
CA LEU A 80 -12.20 27.58 -16.08
C LEU A 80 -13.21 26.83 -16.94
N THR A 81 -13.57 25.61 -16.54
CA THR A 81 -14.53 24.84 -17.33
C THR A 81 -15.94 25.40 -17.22
N LEU A 82 -16.35 25.82 -16.02
CA LEU A 82 -17.72 26.32 -15.85
C LEU A 82 -17.92 27.62 -16.63
N SER A 83 -16.95 28.54 -16.57
CA SER A 83 -17.10 29.80 -17.29
C SER A 83 -17.20 29.57 -18.80
N ASN A 84 -16.38 28.67 -19.33
CA ASN A 84 -16.42 28.40 -20.77
C ASN A 84 -17.72 27.70 -21.15
N PHE A 85 -18.24 26.81 -20.30
CA PHE A 85 -19.55 26.22 -20.57
C PHE A 85 -20.63 27.29 -20.64
N LEU A 86 -20.61 28.23 -19.71
CA LEU A 86 -21.59 29.32 -19.75
C LEU A 86 -21.42 30.16 -21.00
N LEU A 87 -20.17 30.40 -21.42
CA LEU A 87 -19.93 31.14 -22.65
C LEU A 87 -20.48 30.40 -23.86
N SER A 88 -20.45 29.07 -23.83
CA SER A 88 -20.83 28.28 -25.00
C SER A 88 -22.29 28.47 -25.40
N VAL A 89 -23.16 28.88 -24.47
CA VAL A 89 -24.58 28.97 -24.75
C VAL A 89 -25.08 30.41 -24.75
N LEU A 90 -24.45 31.32 -24.01
CA LEU A 90 -24.97 32.68 -23.91
C LEU A 90 -24.55 33.55 -25.10
N VAL A 91 -23.59 33.09 -25.90
CA VAL A 91 -22.99 33.91 -26.96
C VAL A 91 -23.05 33.20 -28.31
N LEU A 92 -22.57 31.96 -28.38
CA LEU A 92 -22.32 31.31 -29.66
C LEU A 92 -23.52 31.20 -30.59
N PRO A 93 -24.72 30.83 -30.13
CA PRO A 93 -25.86 30.72 -31.07
C PRO A 93 -26.14 32.00 -31.84
N PHE A 94 -26.02 33.15 -31.16
CA PHE A 94 -26.21 34.42 -31.85
C PHE A 94 -25.18 34.61 -32.95
N VAL A 95 -23.97 34.11 -32.75
CA VAL A 95 -22.95 34.18 -33.79
C VAL A 95 -23.38 33.38 -35.01
N VAL A 96 -23.98 32.20 -34.79
CA VAL A 96 -24.48 31.39 -35.90
C VAL A 96 -25.57 32.14 -36.66
N THR A 97 -26.52 32.71 -35.92
CA THR A 97 -27.63 33.39 -36.58
C THR A 97 -27.13 34.59 -37.36
N SER A 98 -26.15 35.32 -36.82
CA SER A 98 -25.60 36.47 -37.53
C SER A 98 -24.80 36.04 -38.75
N SER A 99 -24.08 34.91 -38.66
CA SER A 99 -23.32 34.42 -39.80
C SER A 99 -24.24 33.98 -40.94
N ILE A 100 -25.40 33.43 -40.62
CA ILE A 100 -26.35 33.06 -41.68
C ILE A 100 -27.06 34.30 -42.21
N ARG A 101 -27.78 35.02 -41.34
CA ARG A 101 -28.55 36.18 -41.78
C ARG A 101 -27.67 37.33 -42.24
N ARG A 102 -26.38 37.31 -41.90
CA ARG A 102 -25.44 38.36 -42.29
C ARG A 102 -25.87 39.73 -41.77
N GLU A 103 -26.52 39.76 -40.60
CA GLU A 103 -26.88 41.00 -39.95
C GLU A 103 -27.36 40.68 -38.54
N TRP A 104 -27.42 41.71 -37.71
CA TRP A 104 -27.84 41.56 -36.32
C TRP A 104 -29.34 41.72 -36.24
N ILE A 105 -30.05 40.59 -36.24
CA ILE A 105 -31.51 40.64 -36.19
C ILE A 105 -32.01 40.99 -34.78
N PHE A 106 -31.26 40.63 -33.75
CA PHE A 106 -31.70 40.85 -32.38
C PHE A 106 -31.70 42.33 -32.04
N GLY A 107 -32.06 42.65 -30.81
CA GLY A 107 -32.15 44.03 -30.38
C GLY A 107 -30.80 44.61 -30.01
N VAL A 108 -30.80 45.92 -29.80
CA VAL A 108 -29.60 46.63 -29.39
C VAL A 108 -29.23 46.26 -27.95
N VAL A 109 -30.20 45.82 -27.15
CA VAL A 109 -29.94 45.52 -25.75
C VAL A 109 -28.96 44.35 -25.64
N TRP A 110 -29.18 43.30 -26.42
CA TRP A 110 -28.33 42.12 -26.32
C TRP A 110 -26.99 42.29 -27.03
N CYS A 111 -26.83 43.34 -27.84
CA CYS A 111 -25.55 43.58 -28.48
C CYS A 111 -24.46 43.86 -27.44
N ASN A 112 -24.80 44.66 -26.42
CA ASN A 112 -23.81 45.03 -25.42
C ASN A 112 -23.48 43.87 -24.49
N PHE A 113 -24.52 43.15 -24.03
CA PHE A 113 -24.30 42.10 -23.05
C PHE A 113 -23.44 40.98 -23.61
N SER A 114 -23.68 40.60 -24.87
CA SER A 114 -22.90 39.52 -25.47
C SER A 114 -21.43 39.90 -25.57
N ALA A 115 -21.15 41.13 -26.01
CA ALA A 115 -19.76 41.58 -26.13
C ALA A 115 -19.08 41.63 -24.76
N LEU A 116 -19.79 42.15 -23.76
CA LEU A 116 -19.22 42.23 -22.43
C LEU A 116 -18.90 40.86 -21.87
N LEU A 117 -19.82 39.90 -22.02
CA LEU A 117 -19.56 38.55 -21.55
C LEU A 117 -18.38 37.92 -22.28
N TYR A 118 -18.32 38.13 -23.60
CA TYR A 118 -17.21 37.58 -24.39
C TYR A 118 -15.87 38.09 -23.86
N LEU A 119 -15.74 39.41 -23.72
CA LEU A 119 -14.48 39.98 -23.26
C LEU A 119 -14.14 39.50 -21.85
N LEU A 120 -15.13 39.50 -20.96
CA LEU A 120 -14.88 39.13 -19.57
C LEU A 120 -14.39 37.69 -19.47
N ILE A 121 -15.10 36.75 -20.10
CA ILE A 121 -14.74 35.35 -19.98
C ILE A 121 -13.41 35.08 -20.67
N SER A 122 -13.14 35.75 -21.80
CA SER A 122 -11.86 35.56 -22.47
C SER A 122 -10.70 35.99 -21.57
N SER A 123 -10.81 37.17 -20.96
CA SER A 123 -9.74 37.63 -20.09
C SER A 123 -9.56 36.71 -18.89
N ALA A 124 -10.66 36.26 -18.28
CA ALA A 124 -10.55 35.36 -17.14
C ALA A 124 -9.86 34.05 -17.52
N SER A 125 -10.23 33.50 -18.68
CA SER A 125 -9.60 32.27 -19.13
C SER A 125 -8.12 32.45 -19.36
N MET A 126 -7.73 33.60 -19.94
CA MET A 126 -6.31 33.85 -20.17
C MET A 126 -5.54 33.95 -18.85
N LEU A 127 -6.13 34.58 -17.84
CA LEU A 127 -5.42 34.78 -16.58
C LEU A 127 -5.32 33.49 -15.76
N THR A 128 -6.32 32.62 -15.87
CA THR A 128 -6.30 31.38 -15.09
C THR A 128 -5.08 30.52 -15.44
N LEU A 129 -4.66 30.53 -16.71
CA LEU A 129 -3.49 29.74 -17.10
C LEU A 129 -2.22 30.24 -16.42
N GLY A 130 -2.04 31.56 -16.35
CA GLY A 130 -0.90 32.09 -15.62
C GLY A 130 -0.92 31.74 -14.15
N VAL A 131 -2.11 31.78 -13.54
CA VAL A 131 -2.20 31.39 -12.13
C VAL A 131 -1.81 29.92 -11.96
N ILE A 132 -2.28 29.06 -12.86
CA ILE A 132 -1.93 27.63 -12.79
C ILE A 132 -0.42 27.46 -12.94
N ALA A 133 0.20 28.22 -13.85
CA ALA A 133 1.64 28.13 -14.04
C ALA A 133 2.39 28.52 -12.77
N ILE A 134 1.93 29.59 -12.10
CA ILE A 134 2.57 29.99 -10.85
C ILE A 134 2.46 28.89 -9.81
N ASP A 135 1.28 28.27 -9.72
CA ASP A 135 1.08 27.20 -8.74
C ASP A 135 2.03 26.04 -9.01
N ARG A 136 2.16 25.63 -10.27
CA ARG A 136 3.06 24.53 -10.60
C ARG A 136 4.51 24.90 -10.31
N TYR A 137 4.90 26.15 -10.60
CA TYR A 137 6.25 26.58 -10.32
C TYR A 137 6.57 26.45 -8.84
N TYR A 138 5.66 26.93 -7.98
CA TYR A 138 5.90 26.83 -6.55
C TYR A 138 5.89 25.39 -6.08
N ALA A 139 5.05 24.55 -6.69
CA ALA A 139 5.02 23.14 -6.31
C ALA A 139 6.35 22.46 -6.61
N VAL A 140 6.93 22.75 -7.77
CA VAL A 140 8.13 22.04 -8.20
C VAL A 140 9.41 22.60 -7.58
N LEU A 141 9.53 23.92 -7.43
CA LEU A 141 10.79 24.50 -6.97
C LEU A 141 10.93 24.49 -5.45
N TYR A 142 9.81 24.47 -4.72
CA TYR A 142 9.83 24.50 -3.25
C TYR A 142 8.96 23.40 -2.67
N PRO A 143 9.36 22.14 -2.83
CA PRO A 143 8.48 21.03 -2.44
C PRO A 143 8.25 20.92 -0.93
N MET A 144 9.28 21.15 -0.12
CA MET A 144 9.13 20.92 1.32
C MET A 144 8.30 22.00 1.98
N VAL A 145 8.37 23.23 1.48
CA VAL A 145 7.65 24.36 2.07
C VAL A 145 6.28 24.57 1.44
N TYR A 146 5.98 23.93 0.31
CA TYR A 146 4.72 24.12 -0.41
C TYR A 146 3.48 23.89 0.44
N PRO A 147 3.37 22.85 1.27
CA PRO A 147 2.10 22.60 1.99
C PRO A 147 1.69 23.71 2.95
N MET A 148 2.61 24.57 3.37
CA MET A 148 2.29 25.63 4.32
C MET A 148 2.34 27.01 3.66
N LYS A 149 3.17 27.16 2.62
CA LYS A 149 3.26 28.44 1.94
C LYS A 149 1.98 28.77 1.19
N ILE A 150 1.31 27.77 0.64
CA ILE A 150 0.07 27.94 -0.12
C ILE A 150 -1.04 27.19 0.59
N THR A 151 -2.14 27.89 0.86
CA THR A 151 -3.25 27.32 1.62
C THR A 151 -4.55 27.69 0.93
N GLY A 152 -5.64 27.15 1.47
CA GLY A 152 -6.94 27.33 0.83
C GLY A 152 -7.39 28.77 0.79
N ASN A 153 -7.15 29.52 1.87
CA ASN A 153 -7.61 30.91 1.93
C ASN A 153 -6.92 31.75 0.84
N ARG A 154 -5.62 31.55 0.65
CA ARG A 154 -4.92 32.27 -0.40
C ARG A 154 -5.37 31.83 -1.78
N ALA A 155 -5.77 30.57 -1.94
CA ALA A 155 -6.36 30.13 -3.21
C ALA A 155 -7.67 30.86 -3.47
N VAL A 156 -8.50 31.03 -2.44
CA VAL A 156 -9.74 31.77 -2.61
C VAL A 156 -9.44 33.23 -2.97
N MET A 157 -8.43 33.81 -2.33
CA MET A 157 -8.04 35.18 -2.67
C MET A 157 -7.63 35.28 -4.13
N ALA A 158 -6.85 34.31 -4.61
CA ALA A 158 -6.45 34.32 -6.02
C ALA A 158 -7.66 34.19 -6.95
N LEU A 159 -8.60 33.32 -6.58
CA LEU A 159 -9.80 33.15 -7.41
C LEU A 159 -10.59 34.44 -7.50
N VAL A 160 -10.73 35.16 -6.37
CA VAL A 160 -11.42 36.44 -6.40
C VAL A 160 -10.65 37.46 -7.24
N TYR A 161 -9.32 37.48 -7.08
CA TYR A 161 -8.50 38.46 -7.79
C TYR A 161 -8.59 38.27 -9.29
N ILE A 162 -8.70 37.03 -9.75
CA ILE A 162 -8.81 36.79 -11.19
C ILE A 162 -10.00 37.54 -11.77
N TRP A 163 -11.16 37.40 -11.15
CA TRP A 163 -12.37 38.00 -11.71
C TRP A 163 -12.39 39.51 -11.50
N LEU A 164 -11.81 40.01 -10.40
CA LEU A 164 -11.69 41.46 -10.27
C LEU A 164 -10.78 42.05 -11.34
N HIS A 165 -9.67 41.37 -11.65
CA HIS A 165 -8.79 41.82 -12.72
C HIS A 165 -9.53 41.84 -14.05
N SER A 166 -10.31 40.79 -14.33
CA SER A 166 -11.08 40.75 -15.56
C SER A 166 -12.10 41.88 -15.63
N LEU A 167 -12.81 42.15 -14.53
CA LEU A 167 -13.81 43.20 -14.52
C LEU A 167 -13.17 44.58 -14.72
N ILE A 168 -12.02 44.82 -14.09
CA ILE A 168 -11.31 46.07 -14.34
C ILE A 168 -10.87 46.15 -15.79
N GLY A 169 -10.63 45.00 -16.43
CA GLY A 169 -10.30 45.02 -17.84
C GLY A 169 -11.45 45.33 -18.77
N CYS A 170 -12.69 45.26 -18.28
CA CYS A 170 -13.87 45.48 -19.10
C CYS A 170 -14.73 46.65 -18.63
N LEU A 171 -14.29 47.37 -17.60
CA LEU A 171 -15.02 48.57 -17.17
C LEU A 171 -15.26 49.58 -18.28
N PRO A 172 -14.26 49.96 -19.08
CA PRO A 172 -14.47 51.10 -20.01
C PRO A 172 -15.55 50.81 -21.05
N PRO A 173 -15.58 49.62 -21.66
CA PRO A 173 -16.73 49.31 -22.52
C PRO A 173 -18.06 49.33 -21.79
N LEU A 174 -18.10 48.92 -20.53
CA LEU A 174 -19.35 48.91 -19.78
C LEU A 174 -19.95 50.30 -19.65
N PHE A 175 -19.11 51.30 -19.37
CA PHE A 175 -19.56 52.68 -19.38
C PHE A 175 -19.57 53.19 -20.82
N GLY A 176 -19.71 54.50 -20.97
CA GLY A 176 -19.73 55.13 -22.28
C GLY A 176 -18.39 55.52 -22.83
N TRP A 177 -17.29 55.11 -22.18
CA TRP A 177 -15.97 55.55 -22.61
C TRP A 177 -15.56 54.92 -23.94
N SER A 178 -16.11 53.75 -24.28
CA SER A 178 -15.79 53.06 -25.52
C SER A 178 -17.06 52.58 -26.18
N SER A 179 -17.06 52.51 -27.50
CA SER A 179 -18.24 52.13 -28.27
C SER A 179 -18.19 50.65 -28.62
N VAL A 180 -19.36 50.03 -28.66
CA VAL A 180 -19.54 48.64 -29.06
C VAL A 180 -20.51 48.62 -30.23
N GLU A 181 -20.17 47.88 -31.28
CA GLU A 181 -21.00 47.82 -32.47
C GLU A 181 -20.81 46.49 -33.17
N PHE A 182 -21.71 46.21 -34.11
CA PHE A 182 -21.66 44.98 -34.88
C PHE A 182 -20.62 45.10 -35.98
N ASP A 183 -19.64 44.19 -35.98
CA ASP A 183 -18.58 44.17 -36.98
C ASP A 183 -18.96 43.15 -38.05
N GLU A 184 -18.85 43.54 -39.31
CA GLU A 184 -19.39 42.76 -40.42
C GLU A 184 -18.81 41.35 -40.46
N PHE A 185 -17.52 41.22 -40.72
CA PHE A 185 -16.92 39.91 -40.96
C PHE A 185 -16.53 39.17 -39.68
N LYS A 186 -16.63 39.81 -38.52
CA LYS A 186 -16.54 39.10 -37.25
C LYS A 186 -17.82 38.31 -36.96
N TRP A 187 -18.96 38.78 -37.46
CA TRP A 187 -20.26 38.14 -37.24
C TRP A 187 -20.63 38.12 -35.76
N MET A 188 -20.39 39.23 -35.07
CA MET A 188 -20.77 39.35 -33.66
C MET A 188 -20.67 40.81 -33.25
N CYS A 189 -21.26 41.11 -32.08
CA CYS A 189 -21.09 42.40 -31.44
C CYS A 189 -19.80 42.39 -30.63
N VAL A 190 -18.91 43.34 -30.89
CA VAL A 190 -17.64 43.44 -30.19
C VAL A 190 -17.19 44.89 -30.21
N ALA A 191 -16.18 45.20 -29.42
CA ALA A 191 -15.64 46.56 -29.36
C ALA A 191 -15.09 46.96 -30.72
N ALA A 192 -15.27 48.24 -31.07
CA ALA A 192 -14.81 48.78 -32.35
C ALA A 192 -13.31 49.09 -32.24
N TRP A 193 -12.51 48.09 -32.59
CA TRP A 193 -11.05 48.22 -32.47
C TRP A 193 -10.52 49.32 -33.39
N HIS A 194 -11.03 49.38 -34.62
CA HIS A 194 -10.46 50.24 -35.63
C HIS A 194 -10.65 51.73 -35.32
N ARG A 195 -11.64 52.08 -34.51
CA ARG A 195 -11.99 53.48 -34.26
C ARG A 195 -11.62 53.93 -32.84
N GLU A 196 -10.88 53.11 -32.08
CA GLU A 196 -10.51 53.44 -30.71
C GLU A 196 -9.14 52.85 -30.43
N PRO A 197 -8.07 53.51 -30.91
CA PRO A 197 -6.72 52.92 -30.79
C PRO A 197 -6.19 52.85 -29.37
N GLY A 198 -6.85 53.49 -28.40
CA GLY A 198 -6.37 53.44 -27.03
C GLY A 198 -6.77 52.17 -26.30
N TYR A 199 -8.06 51.86 -26.31
CA TYR A 199 -8.54 50.66 -25.63
C TYR A 199 -7.99 49.40 -26.29
N THR A 200 -7.87 49.41 -27.61
CA THR A 200 -7.38 48.23 -28.32
C THR A 200 -5.95 47.88 -27.93
N ALA A 201 -5.17 48.86 -27.49
CA ALA A 201 -3.83 48.60 -26.96
C ALA A 201 -3.86 48.30 -25.47
N PHE A 202 -4.69 49.02 -24.71
CA PHE A 202 -4.77 48.79 -23.27
C PHE A 202 -5.18 47.36 -22.96
N TRP A 203 -6.29 46.91 -23.56
CA TRP A 203 -6.77 45.54 -23.31
C TRP A 203 -5.75 44.52 -23.78
N GLN A 204 -5.17 44.74 -24.96
CA GLN A 204 -4.23 43.80 -25.53
C GLN A 204 -3.00 43.62 -24.64
N ILE A 205 -2.46 44.72 -24.12
CA ILE A 205 -1.28 44.63 -23.26
C ILE A 205 -1.66 44.04 -21.91
N TRP A 206 -2.78 44.46 -21.35
CA TRP A 206 -3.01 44.24 -19.92
C TRP A 206 -3.67 42.89 -19.65
N CYS A 207 -4.37 42.31 -20.64
CA CYS A 207 -5.11 41.08 -20.43
C CYS A 207 -4.47 39.85 -21.07
N ALA A 208 -3.56 40.03 -22.02
CA ALA A 208 -3.01 38.91 -22.79
C ALA A 208 -1.51 38.74 -22.63
N LEU A 209 -0.73 39.83 -22.72
CA LEU A 209 0.72 39.71 -22.74
C LEU A 209 1.27 39.33 -21.37
N PHE A 210 0.67 39.85 -20.32
CA PHE A 210 1.13 39.65 -18.94
C PHE A 210 1.07 38.18 -18.55
N PRO A 211 -0.07 37.50 -18.66
CA PRO A 211 -0.08 36.06 -18.35
C PRO A 211 0.82 35.24 -19.25
N PHE A 212 0.97 35.62 -20.51
CA PHE A 212 1.87 34.88 -21.40
C PHE A 212 3.31 34.97 -20.93
N LEU A 213 3.75 36.17 -20.52
CA LEU A 213 5.09 36.32 -19.98
C LEU A 213 5.26 35.51 -18.69
N VAL A 214 4.24 35.52 -17.83
CA VAL A 214 4.32 34.75 -16.59
C VAL A 214 4.48 33.27 -16.88
N MET A 215 3.67 32.73 -17.80
CA MET A 215 3.79 31.33 -18.18
C MET A 215 5.17 31.04 -18.74
N LEU A 216 5.66 31.94 -19.61
CA LEU A 216 6.95 31.74 -20.24
C LEU A 216 8.06 31.61 -19.20
N VAL A 217 8.13 32.56 -18.26
CA VAL A 217 9.20 32.51 -17.28
C VAL A 217 9.06 31.31 -16.35
N CYS A 218 7.84 31.00 -15.91
CA CYS A 218 7.65 29.88 -14.99
C CYS A 218 8.06 28.56 -15.62
N TYR A 219 7.56 28.27 -16.82
CA TYR A 219 7.92 27.02 -17.46
C TYR A 219 9.38 26.99 -17.89
N GLY A 220 9.97 28.15 -18.20
CA GLY A 220 11.39 28.17 -18.47
C GLY A 220 12.21 27.76 -17.26
N PHE A 221 11.83 28.26 -16.08
CA PHE A 221 12.52 27.83 -14.86
C PHE A 221 12.31 26.34 -14.59
N ILE A 222 11.10 25.84 -14.83
CA ILE A 222 10.85 24.41 -14.58
C ILE A 222 11.68 23.55 -15.53
N PHE A 223 11.86 24.02 -16.76
CA PHE A 223 12.45 23.18 -17.80
C PHE A 223 13.88 22.76 -17.45
N ARG A 224 14.68 23.69 -16.93
CA ARG A 224 16.08 23.35 -16.68
C ARG A 224 16.23 22.36 -15.54
N VAL A 225 15.42 22.49 -14.49
CA VAL A 225 15.44 21.48 -13.42
C VAL A 225 15.04 20.12 -13.98
N ALA A 226 13.98 20.10 -14.79
CA ALA A 226 13.55 18.83 -15.38
C ALA A 226 14.65 18.23 -16.25
N ARG A 227 15.34 19.07 -17.03
CA ARG A 227 16.41 18.60 -17.89
C ARG A 227 17.56 18.03 -17.09
N VAL A 228 17.97 18.72 -16.02
CA VAL A 228 19.10 18.25 -15.21
C VAL A 228 18.76 16.91 -14.55
N LYS A 229 17.56 16.81 -13.97
CA LYS A 229 17.22 15.60 -13.23
C LYS A 229 16.59 14.52 -14.10
N ALA A 230 16.47 14.74 -15.41
CA ALA A 230 16.01 13.67 -16.29
C ALA A 230 17.02 12.53 -16.36
N ARG A 231 18.30 12.86 -16.31
CA ARG A 231 19.36 11.86 -16.38
C ARG A 231 19.27 10.88 -15.21
N CYS A 277 12.98 13.28 -23.53
CA CYS A 277 12.63 14.65 -23.91
C CYS A 277 11.16 14.91 -23.69
N LYS A 278 10.56 14.20 -22.73
CA LYS A 278 9.13 14.37 -22.47
C LYS A 278 8.82 15.75 -21.92
N ALA A 279 9.71 16.30 -21.09
CA ALA A 279 9.48 17.63 -20.53
C ALA A 279 9.38 18.68 -21.64
N LEU A 280 10.28 18.61 -22.62
CA LEU A 280 10.26 19.56 -23.73
C LEU A 280 8.96 19.45 -24.51
N ILE A 281 8.53 18.22 -24.79
CA ILE A 281 7.30 18.01 -25.55
C ILE A 281 6.10 18.58 -24.78
N THR A 282 6.01 18.29 -23.49
CA THR A 282 4.89 18.78 -22.70
C THR A 282 4.87 20.30 -22.64
N ILE A 283 6.03 20.91 -22.40
CA ILE A 283 6.09 22.36 -22.30
C ILE A 283 5.73 23.00 -23.65
N LEU A 284 6.25 22.45 -24.75
CA LEU A 284 5.93 22.99 -26.06
C LEU A 284 4.45 22.88 -26.36
N VAL A 285 3.82 21.74 -26.01
CA VAL A 285 2.39 21.58 -26.25
C VAL A 285 1.60 22.61 -25.46
N VAL A 286 1.90 22.74 -24.17
CA VAL A 286 1.16 23.66 -23.32
C VAL A 286 1.32 25.08 -23.81
N LEU A 287 2.54 25.46 -24.19
CA LEU A 287 2.80 26.84 -24.59
C LEU A 287 2.29 27.14 -25.99
N GLY A 288 2.19 26.13 -26.86
CA GLY A 288 1.73 26.37 -28.21
C GLY A 288 0.22 26.38 -28.32
N ALA A 289 -0.46 25.61 -27.45
CA ALA A 289 -1.92 25.63 -27.46
C ALA A 289 -2.48 27.01 -27.20
N PHE A 290 -1.73 27.88 -26.52
CA PHE A 290 -2.17 29.23 -26.24
C PHE A 290 -1.98 30.14 -27.45
N MET A 291 -0.75 30.16 -28.00
CA MET A 291 -0.42 31.13 -29.04
C MET A 291 -0.98 30.73 -30.41
N VAL A 292 -1.07 29.45 -30.72
CA VAL A 292 -1.64 29.06 -32.01
C VAL A 292 -3.09 29.51 -32.11
N THR A 293 -3.80 29.55 -30.99
CA THR A 293 -5.21 29.92 -30.97
C THR A 293 -5.43 31.42 -30.79
N TRP A 294 -4.71 32.08 -29.89
CA TRP A 294 -4.94 33.50 -29.62
C TRP A 294 -3.97 34.41 -30.35
N GLY A 295 -3.13 33.87 -31.25
CA GLY A 295 -2.12 34.65 -31.92
C GLY A 295 -2.64 35.48 -33.07
N PRO A 296 -3.27 34.83 -34.05
CA PRO A 296 -3.75 35.59 -35.23
C PRO A 296 -4.70 36.72 -34.88
N TYR A 297 -5.56 36.53 -33.88
CA TYR A 297 -6.53 37.56 -33.52
C TYR A 297 -5.83 38.83 -33.04
N MET A 298 -4.78 38.68 -32.23
CA MET A 298 -4.07 39.84 -31.71
C MET A 298 -3.44 40.66 -32.83
N VAL A 299 -2.75 39.99 -33.76
CA VAL A 299 -2.11 40.71 -34.85
C VAL A 299 -3.15 41.32 -35.78
N VAL A 300 -4.28 40.65 -35.99
CA VAL A 300 -5.35 41.23 -36.81
C VAL A 300 -5.87 42.52 -36.16
N ILE A 301 -6.08 42.48 -34.84
CA ILE A 301 -6.54 43.68 -34.13
C ILE A 301 -5.52 44.79 -34.27
N ALA A 302 -4.25 44.47 -34.10
CA ALA A 302 -3.20 45.47 -34.19
C ALA A 302 -3.16 46.10 -35.57
N SER A 303 -3.25 45.28 -36.61
CA SER A 303 -3.22 45.79 -37.98
C SER A 303 -4.43 46.68 -38.26
N GLU A 304 -5.62 46.28 -37.81
CA GLU A 304 -6.80 47.12 -38.00
C GLU A 304 -6.66 48.45 -37.26
N ALA A 305 -6.13 48.43 -36.04
CA ALA A 305 -6.00 49.67 -35.28
C ALA A 305 -4.95 50.58 -35.89
N LEU A 306 -3.88 50.02 -36.46
CA LEU A 306 -2.78 50.85 -36.95
C LEU A 306 -3.09 51.44 -38.32
N TRP A 307 -3.57 50.62 -39.27
CA TRP A 307 -3.73 51.03 -40.66
C TRP A 307 -5.17 50.97 -41.14
N GLY A 308 -6.14 50.83 -40.25
CA GLY A 308 -7.54 50.87 -40.62
C GLY A 308 -8.08 49.51 -41.03
N LYS A 309 -9.39 49.50 -41.30
CA LYS A 309 -10.11 48.26 -41.58
C LYS A 309 -9.66 47.60 -42.87
N SER A 310 -9.20 48.37 -43.85
CA SER A 310 -8.93 47.82 -45.17
C SER A 310 -7.62 47.05 -45.25
N SER A 311 -6.82 47.04 -44.17
CA SER A 311 -5.49 46.46 -44.22
C SER A 311 -5.49 44.94 -44.09
N VAL A 312 -6.64 44.30 -43.88
CA VAL A 312 -6.72 42.86 -43.70
C VAL A 312 -7.86 42.32 -44.55
N SER A 313 -7.65 41.14 -45.13
CA SER A 313 -8.67 40.52 -45.97
C SER A 313 -9.82 40.00 -45.10
N PRO A 314 -11.05 40.00 -45.61
CA PRO A 314 -12.17 39.48 -44.79
C PRO A 314 -12.01 38.03 -44.38
N SER A 315 -11.46 37.18 -45.25
CA SER A 315 -11.31 35.77 -44.90
C SER A 315 -10.35 35.58 -43.73
N LEU A 316 -9.22 36.29 -43.76
CA LEU A 316 -8.28 36.23 -42.64
C LEU A 316 -8.94 36.71 -41.36
N GLU A 317 -9.74 37.78 -41.45
CA GLU A 317 -10.44 38.30 -40.28
C GLU A 317 -11.37 37.25 -39.70
N THR A 318 -12.16 36.60 -40.56
CA THR A 318 -13.09 35.58 -40.10
C THR A 318 -12.35 34.42 -39.44
N TRP A 319 -11.29 33.93 -40.08
CA TRP A 319 -10.59 32.77 -39.54
C TRP A 319 -9.88 33.13 -38.24
N ALA A 320 -9.30 34.32 -38.15
CA ALA A 320 -8.66 34.74 -36.90
C ALA A 320 -9.68 34.84 -35.77
N THR A 321 -10.86 35.39 -36.05
CA THR A 321 -11.90 35.48 -35.03
C THR A 321 -12.33 34.10 -34.58
N TRP A 322 -12.48 33.18 -35.54
CA TRP A 322 -13.02 31.86 -35.28
C TRP A 322 -12.02 30.93 -34.59
N LEU A 323 -10.72 31.19 -34.74
CA LEU A 323 -9.74 30.40 -34.01
C LEU A 323 -9.78 30.72 -32.51
N SER A 324 -10.24 31.91 -32.14
CA SER A 324 -10.30 32.28 -30.73
C SER A 324 -11.26 31.39 -29.96
N PHE A 325 -12.39 31.03 -30.58
CA PHE A 325 -13.33 30.12 -29.94
C PHE A 325 -12.74 28.72 -29.78
N ALA A 326 -11.76 28.35 -30.60
CA ALA A 326 -11.14 27.04 -30.48
C ALA A 326 -10.25 26.96 -29.24
N SER A 327 -9.95 28.10 -28.61
CA SER A 327 -9.18 28.08 -27.37
C SER A 327 -9.90 27.29 -26.29
N ALA A 328 -11.21 27.46 -26.20
CA ALA A 328 -12.01 26.76 -25.21
C ALA A 328 -12.07 25.25 -25.44
N VAL A 329 -11.62 24.77 -26.59
CA VAL A 329 -11.58 23.33 -26.83
C VAL A 329 -10.33 22.71 -26.20
N CYS A 330 -9.22 23.43 -26.21
CA CYS A 330 -7.96 22.88 -25.70
C CYS A 330 -7.94 22.86 -24.18
N HIS A 331 -8.58 23.83 -23.53
CA HIS A 331 -8.57 23.91 -22.07
C HIS A 331 -9.11 22.66 -21.40
N PRO A 332 -10.33 22.18 -21.69
CA PRO A 332 -10.81 20.98 -21.00
C PRO A 332 -9.94 19.77 -21.24
N LEU A 333 -9.56 19.49 -22.49
CA LEU A 333 -8.70 18.34 -22.76
C LEU A 333 -7.41 18.41 -21.95
N ILE A 334 -6.68 19.53 -22.08
CA ILE A 334 -5.34 19.61 -21.52
C ILE A 334 -5.37 19.59 -20.00
N TYR A 335 -6.22 20.41 -19.38
CA TYR A 335 -6.20 20.51 -17.93
C TYR A 335 -7.15 19.54 -17.26
N GLY A 336 -7.85 18.71 -18.03
CA GLY A 336 -8.65 17.62 -17.53
C GLY A 336 -8.01 16.31 -17.92
N LEU A 337 -8.40 15.80 -19.09
CA LEU A 337 -8.17 14.40 -19.44
C LEU A 337 -6.70 14.02 -19.33
N TRP A 338 -5.79 14.96 -19.54
CA TRP A 338 -4.37 14.63 -19.42
C TRP A 338 -3.96 14.36 -17.98
N ASN A 339 -4.75 14.82 -17.00
CA ASN A 339 -4.49 14.50 -15.61
C ASN A 339 -4.91 13.07 -15.32
N LYS A 340 -4.03 12.32 -14.64
CA LYS A 340 -4.25 10.89 -14.48
C LYS A 340 -5.47 10.60 -13.59
N THR A 341 -5.57 11.30 -12.46
CA THR A 341 -6.64 10.98 -11.51
C THR A 341 -8.00 11.30 -12.08
N VAL A 342 -8.16 12.50 -12.66
CA VAL A 342 -9.44 12.87 -13.24
C VAL A 342 -9.79 11.97 -14.41
N ARG A 343 -8.80 11.58 -15.21
CA ARG A 343 -9.05 10.66 -16.31
C ARG A 343 -9.57 9.33 -15.79
N LYS A 344 -8.93 8.79 -14.75
CA LYS A 344 -9.37 7.53 -14.18
C LYS A 344 -10.80 7.64 -13.65
N GLU A 345 -11.09 8.72 -12.94
CA GLU A 345 -12.42 8.88 -12.36
C GLU A 345 -13.48 9.03 -13.45
N LEU A 346 -13.14 9.74 -14.54
CA LEU A 346 -14.08 9.89 -15.64
C LEU A 346 -14.33 8.56 -16.33
N LEU A 347 -13.26 7.80 -16.60
CA LEU A 347 -13.43 6.50 -17.24
C LEU A 347 -14.22 5.54 -16.35
N GLY A 348 -14.12 5.70 -15.02
CA GLY A 348 -14.94 4.93 -14.12
C GLY A 348 -16.43 5.19 -14.26
N MET A 349 -16.80 6.36 -14.79
CA MET A 349 -18.20 6.72 -14.99
C MET A 349 -18.66 6.54 -16.43
N CYS A 350 -17.75 6.51 -17.40
CA CYS A 350 -18.11 6.44 -18.81
C CYS A 350 -17.78 5.08 -19.41
N PHE A 351 -16.73 4.43 -18.91
CA PHE A 351 -16.28 3.15 -19.45
C PHE A 351 -15.94 3.28 -20.93
N ASN B 5 20.89 -28.08 25.78
CA ASN B 5 20.72 -29.56 25.85
C ASN B 5 19.40 -29.94 26.50
N THR B 6 19.23 -29.52 27.76
CA THR B 6 18.02 -29.89 28.50
C THR B 6 16.78 -29.21 27.93
N ALA B 7 16.91 -28.01 27.40
CA ALA B 7 15.75 -27.31 26.84
C ALA B 7 15.19 -28.05 25.63
N SER B 8 16.06 -28.50 24.72
CA SER B 8 15.60 -29.28 23.58
C SER B 8 14.97 -30.59 24.03
N ILE B 9 15.56 -31.22 25.05
CA ILE B 9 14.99 -32.45 25.59
C ILE B 9 13.57 -32.20 26.09
N ALA B 10 13.39 -31.13 26.86
CA ALA B 10 12.06 -30.81 27.41
C ALA B 10 11.07 -30.51 26.29
N GLN B 11 11.50 -29.81 25.25
CA GLN B 11 10.65 -29.57 24.11
C GLN B 11 10.22 -30.89 23.46
N ALA B 12 11.17 -31.82 23.34
CA ALA B 12 10.85 -33.13 22.78
C ALA B 12 9.83 -33.87 23.65
N ARG B 13 9.99 -33.79 24.97
CA ARG B 13 8.97 -34.38 25.84
C ARG B 13 7.60 -33.78 25.54
N LYS B 14 7.48 -32.45 25.68
CA LYS B 14 6.19 -31.80 25.45
C LYS B 14 5.59 -32.20 24.12
N LEU B 15 6.43 -32.34 23.09
CA LEU B 15 5.94 -32.81 21.79
C LEU B 15 5.36 -34.22 21.89
N VAL B 16 6.09 -35.15 22.53
CA VAL B 16 5.64 -36.54 22.49
C VAL B 16 4.40 -36.75 23.36
N GLU B 17 4.34 -36.12 24.54
CA GLU B 17 3.09 -36.22 25.31
C GLU B 17 1.97 -35.34 24.75
N GLN B 18 2.26 -34.48 23.78
CA GLN B 18 1.18 -33.93 22.97
C GLN B 18 0.65 -34.97 21.98
N LEU B 19 1.57 -35.70 21.33
CA LEU B 19 1.16 -36.72 20.38
C LEU B 19 0.39 -37.85 21.05
N LYS B 20 0.74 -38.18 22.30
CA LYS B 20 -0.07 -39.14 23.06
C LYS B 20 -1.53 -38.75 23.07
N MET B 21 -1.82 -37.50 23.46
CA MET B 21 -3.21 -37.09 23.61
C MET B 21 -3.89 -36.94 22.24
N GLU B 22 -3.14 -36.49 21.24
CA GLU B 22 -3.73 -36.34 19.91
C GLU B 22 -4.03 -37.68 19.23
N ALA B 23 -3.27 -38.73 19.55
CA ALA B 23 -3.44 -39.99 18.84
C ALA B 23 -4.66 -40.79 19.31
N ASN B 24 -5.21 -40.47 20.49
CA ASN B 24 -6.27 -41.28 21.09
C ASN B 24 -7.67 -40.82 20.73
N ILE B 25 -7.82 -39.71 20.00
CA ILE B 25 -9.14 -39.15 19.74
C ILE B 25 -9.93 -40.08 18.84
N ASP B 26 -11.25 -40.10 19.03
CA ASP B 26 -12.14 -40.88 18.18
C ASP B 26 -12.33 -40.17 16.84
N ARG B 27 -12.76 -40.94 15.83
CA ARG B 27 -12.94 -40.42 14.48
C ARG B 27 -14.13 -41.11 13.83
N ILE B 28 -14.61 -40.50 12.74
CA ILE B 28 -15.70 -41.06 11.94
C ILE B 28 -15.31 -41.00 10.48
N LYS B 29 -16.08 -41.69 9.64
CA LYS B 29 -15.78 -41.74 8.22
C LYS B 29 -16.16 -40.42 7.54
N VAL B 30 -15.48 -40.12 6.44
CA VAL B 30 -15.69 -38.86 5.74
C VAL B 30 -17.10 -38.77 5.16
N SER B 31 -17.72 -39.93 4.88
CA SER B 31 -19.05 -39.93 4.29
C SER B 31 -20.06 -39.24 5.20
N LYS B 32 -20.03 -39.56 6.49
CA LYS B 32 -20.96 -38.93 7.43
C LYS B 32 -20.75 -37.42 7.49
N ALA B 33 -19.48 -36.98 7.54
CA ALA B 33 -19.19 -35.55 7.61
C ALA B 33 -19.70 -34.82 6.38
N ALA B 34 -19.37 -35.35 5.20
CA ALA B 34 -19.80 -34.68 3.96
C ALA B 34 -21.32 -34.67 3.83
N ALA B 35 -21.97 -35.78 4.21
CA ALA B 35 -23.43 -35.83 4.17
C ALA B 35 -24.04 -34.80 5.11
N ASP B 36 -23.48 -34.66 6.31
CA ASP B 36 -24.00 -33.67 7.25
C ASP B 36 -23.82 -32.26 6.72
N LEU B 37 -22.65 -31.96 6.15
CA LEU B 37 -22.42 -30.64 5.56
C LEU B 37 -23.44 -30.35 4.47
N MET B 38 -23.63 -31.31 3.54
CA MET B 38 -24.56 -31.09 2.44
C MET B 38 -25.99 -30.92 2.96
N ALA B 39 -26.39 -31.75 3.92
CA ALA B 39 -27.74 -31.67 4.46
C ALA B 39 -27.99 -30.33 5.13
N TYR B 40 -27.05 -29.86 5.95
CA TYR B 40 -27.22 -28.56 6.61
C TYR B 40 -27.28 -27.45 5.57
N CYS B 41 -26.41 -27.49 4.58
CA CYS B 41 -26.38 -26.43 3.58
C CYS B 41 -27.69 -26.40 2.79
N GLU B 42 -28.27 -27.57 2.53
CA GLU B 42 -29.51 -27.62 1.76
C GLU B 42 -30.72 -27.23 2.62
N ALA B 43 -30.67 -27.49 3.92
CA ALA B 43 -31.82 -27.20 4.78
C ALA B 43 -32.08 -25.71 4.93
N HIS B 44 -31.05 -24.87 4.91
CA HIS B 44 -31.18 -23.44 5.14
C HIS B 44 -31.05 -22.63 3.86
N ALA B 45 -31.39 -23.21 2.70
CA ALA B 45 -31.23 -22.51 1.44
C ALA B 45 -32.15 -21.30 1.32
N LYS B 46 -33.35 -21.40 1.87
CA LYS B 46 -34.34 -20.33 1.70
C LYS B 46 -34.04 -19.10 2.55
N GLU B 47 -33.05 -19.16 3.44
CA GLU B 47 -32.76 -18.12 4.40
C GLU B 47 -31.40 -17.49 4.13
N ASP B 48 -31.11 -17.22 2.86
CA ASP B 48 -29.82 -16.64 2.46
C ASP B 48 -30.08 -15.59 1.37
N PRO B 49 -30.14 -14.30 1.73
CA PRO B 49 -30.35 -13.27 0.70
C PRO B 49 -29.28 -13.23 -0.38
N LEU B 50 -28.03 -13.56 -0.06
CA LEU B 50 -26.96 -13.51 -1.07
C LEU B 50 -27.07 -14.66 -2.06
N LEU B 51 -27.36 -15.87 -1.58
CA LEU B 51 -27.51 -17.01 -2.47
C LEU B 51 -28.72 -16.81 -3.40
N THR B 52 -29.83 -16.34 -2.85
CA THR B 52 -31.04 -16.04 -3.61
C THR B 52 -31.35 -14.55 -3.46
N PRO B 53 -31.20 -13.72 -4.49
CA PRO B 53 -31.39 -12.27 -4.29
C PRO B 53 -32.78 -11.93 -3.78
N VAL B 54 -32.92 -10.68 -3.35
CA VAL B 54 -34.09 -10.21 -2.61
C VAL B 54 -34.79 -9.13 -3.43
N PRO B 55 -36.12 -9.02 -3.38
CA PRO B 55 -36.78 -7.90 -4.08
C PRO B 55 -36.37 -6.55 -3.52
N ALA B 56 -36.39 -5.54 -4.39
CA ALA B 56 -35.93 -4.21 -4.02
C ALA B 56 -36.78 -3.60 -2.90
N SER B 57 -38.04 -4.00 -2.76
CA SER B 57 -38.89 -3.43 -1.73
C SER B 57 -38.44 -3.81 -0.32
N GLU B 58 -37.65 -4.86 -0.17
CA GLU B 58 -37.20 -5.33 1.14
C GLU B 58 -35.73 -5.05 1.42
N ASN B 59 -34.94 -4.70 0.40
CA ASN B 59 -33.52 -4.47 0.61
C ASN B 59 -33.33 -3.15 1.37
N PRO B 60 -32.66 -3.15 2.53
CA PRO B 60 -32.37 -1.86 3.19
C PRO B 60 -31.48 -0.95 2.38
N PHE B 61 -30.69 -1.50 1.45
CA PHE B 61 -29.79 -0.72 0.60
C PHE B 61 -30.40 -0.60 -0.78
N ARG B 62 -30.90 0.60 -1.09
CA ARG B 62 -31.58 0.84 -2.36
C ARG B 62 -32.80 -0.07 -2.52
N GLN C 1 2.38 -31.74 5.25
CA GLN C 1 3.46 -31.63 6.27
C GLN C 1 4.80 -31.37 5.58
N VAL C 2 5.27 -30.12 5.66
CA VAL C 2 6.55 -29.76 5.07
C VAL C 2 7.67 -30.34 5.93
N GLN C 3 8.62 -31.02 5.28
CA GLN C 3 9.74 -31.60 5.99
C GLN C 3 10.95 -31.68 5.06
N LEU C 4 12.13 -31.47 5.65
CA LEU C 4 13.40 -31.55 4.98
C LEU C 4 14.33 -32.43 5.79
N GLN C 5 15.07 -33.31 5.11
CA GLN C 5 15.92 -34.30 5.75
C GLN C 5 17.29 -34.32 5.08
N GLU C 6 18.30 -33.86 5.80
CA GLU C 6 19.66 -33.82 5.25
C GLU C 6 20.30 -35.20 5.31
N SER C 7 21.36 -35.38 4.52
CA SER C 7 22.08 -36.64 4.48
C SER C 7 23.53 -36.35 4.13
N GLY C 8 24.38 -37.34 4.41
CA GLY C 8 25.80 -37.18 4.18
C GLY C 8 26.50 -36.56 5.38
N GLY C 9 27.80 -36.35 5.22
CA GLY C 9 28.63 -35.80 6.26
C GLY C 9 29.62 -36.82 6.81
N GLY C 10 30.07 -36.55 8.04
CA GLY C 10 31.01 -37.42 8.72
C GLY C 10 32.36 -36.77 8.92
N LEU C 11 33.39 -37.58 9.12
CA LEU C 11 34.75 -37.10 9.39
C LEU C 11 35.59 -37.20 8.13
N VAL C 12 36.44 -36.20 7.92
CA VAL C 12 37.30 -36.14 6.74
C VAL C 12 38.60 -35.43 7.13
N GLN C 13 39.70 -35.83 6.48
CA GLN C 13 40.99 -35.22 6.73
C GLN C 13 41.09 -33.86 6.04
N PRO C 14 41.97 -32.98 6.51
CA PRO C 14 42.13 -31.69 5.84
C PRO C 14 42.58 -31.87 4.39
N GLY C 15 42.03 -31.04 3.51
CA GLY C 15 42.23 -31.20 2.09
C GLY C 15 41.36 -32.25 1.43
N GLY C 16 40.44 -32.87 2.17
CA GLY C 16 39.62 -33.92 1.64
C GLY C 16 38.40 -33.40 0.89
N SER C 17 37.54 -34.34 0.51
CA SER C 17 36.35 -34.03 -0.27
C SER C 17 35.14 -34.72 0.37
N LEU C 18 33.97 -34.11 0.15
CA LEU C 18 32.73 -34.59 0.73
C LEU C 18 31.58 -33.92 0.00
N ARG C 19 30.38 -34.48 0.15
CA ARG C 19 29.19 -33.86 -0.43
C ARG C 19 27.97 -34.26 0.38
N LEU C 20 27.01 -33.34 0.44
CA LEU C 20 25.81 -33.48 1.25
C LEU C 20 24.59 -33.64 0.34
N SER C 21 23.52 -34.20 0.90
CA SER C 21 22.28 -34.42 0.17
C SER C 21 21.11 -34.01 1.05
N CYS C 22 20.09 -33.46 0.41
CA CYS C 22 18.89 -32.96 1.08
C CYS C 22 17.65 -33.45 0.32
N ALA C 23 16.72 -34.07 1.05
CA ALA C 23 15.51 -34.62 0.47
C ALA C 23 14.30 -33.85 0.98
N ALA C 24 13.43 -33.43 0.07
CA ALA C 24 12.30 -32.56 0.38
C ALA C 24 11.00 -33.24 -0.04
N SER C 25 9.94 -32.97 0.72
CA SER C 25 8.61 -33.48 0.42
C SER C 25 7.58 -32.58 1.08
N GLY C 26 6.35 -32.67 0.58
CA GLY C 26 5.25 -31.91 1.13
C GLY C 26 4.98 -30.57 0.48
N PHE C 27 5.66 -30.25 -0.62
CA PHE C 27 5.43 -28.99 -1.32
C PHE C 27 5.97 -29.11 -2.73
N THR C 28 5.59 -28.15 -3.57
CA THR C 28 6.03 -28.10 -4.96
C THR C 28 7.46 -27.60 -5.00
N PHE C 29 8.41 -28.52 -5.23
CA PHE C 29 9.82 -28.18 -5.13
C PHE C 29 10.23 -27.19 -6.21
N SER C 30 9.61 -27.25 -7.39
CA SER C 30 10.05 -26.45 -8.52
C SER C 30 9.75 -24.96 -8.35
N ASN C 31 8.89 -24.59 -7.39
CA ASN C 31 8.47 -23.20 -7.25
C ASN C 31 9.36 -22.38 -6.35
N TYR C 32 9.99 -22.99 -5.36
CA TYR C 32 10.66 -22.24 -4.30
C TYR C 32 12.16 -22.12 -4.56
N LYS C 33 12.77 -21.15 -3.89
CA LYS C 33 14.23 -21.02 -3.86
C LYS C 33 14.79 -21.76 -2.65
N MET C 34 16.04 -22.19 -2.76
CA MET C 34 16.67 -23.04 -1.76
C MET C 34 17.98 -22.42 -1.29
N ASN C 35 18.40 -22.78 -0.07
CA ASN C 35 19.55 -22.17 0.58
C ASN C 35 20.33 -23.22 1.36
N TRP C 36 21.60 -22.90 1.62
CA TRP C 36 22.44 -23.63 2.56
C TRP C 36 22.91 -22.69 3.65
N VAL C 37 22.81 -23.14 4.90
CA VAL C 37 23.15 -22.35 6.07
C VAL C 37 23.82 -23.27 7.08
N ARG C 38 24.78 -22.71 7.83
CA ARG C 38 25.55 -23.51 8.78
C ARG C 38 25.74 -22.73 10.07
N GLN C 39 26.04 -23.47 11.14
CA GLN C 39 26.28 -22.92 12.47
C GLN C 39 27.53 -23.55 13.04
N ALA C 40 28.58 -22.75 13.21
CA ALA C 40 29.83 -23.24 13.77
C ALA C 40 29.73 -23.31 15.29
N PRO C 41 30.63 -24.05 15.94
CA PRO C 41 30.60 -24.11 17.41
C PRO C 41 30.77 -22.73 18.03
N GLY C 42 29.91 -22.42 18.99
CA GLY C 42 29.96 -21.14 19.66
C GLY C 42 29.68 -19.94 18.79
N LYS C 43 28.87 -20.11 17.75
CA LYS C 43 28.54 -19.02 16.83
C LYS C 43 27.11 -19.19 16.36
N GLY C 44 26.58 -18.13 15.72
CA GLY C 44 25.25 -18.17 15.17
C GLY C 44 25.22 -18.73 13.75
N LEU C 45 24.02 -18.73 13.19
CA LEU C 45 23.82 -19.23 11.83
C LEU C 45 24.45 -18.29 10.82
N GLU C 46 24.97 -18.86 9.73
CA GLU C 46 25.73 -18.10 8.74
C GLU C 46 25.32 -18.48 7.33
N TRP C 47 25.37 -17.51 6.44
CA TRP C 47 25.04 -17.69 5.03
C TRP C 47 26.12 -18.50 4.32
N VAL C 48 25.70 -19.35 3.38
CA VAL C 48 26.63 -20.11 2.55
C VAL C 48 26.36 -19.90 1.06
N SER C 49 25.18 -20.29 0.59
CA SER C 49 24.91 -20.25 -0.84
C SER C 49 23.42 -20.42 -1.11
N ASP C 50 23.03 -20.18 -2.36
CA ASP C 50 21.65 -20.38 -2.80
C ASP C 50 21.61 -20.68 -4.29
N ILE C 51 20.44 -21.11 -4.76
CA ILE C 51 20.20 -21.44 -6.16
C ILE C 51 18.74 -21.20 -6.46
N SER C 52 18.46 -20.64 -7.63
CA SER C 52 17.11 -20.21 -7.99
C SER C 52 16.28 -21.41 -8.47
N GLN C 53 15.06 -21.09 -8.93
CA GLN C 53 14.11 -22.15 -9.29
C GLN C 53 14.59 -22.95 -10.49
N SER C 54 15.00 -22.26 -11.56
CA SER C 54 15.38 -22.93 -12.79
C SER C 54 16.80 -23.48 -12.74
N GLY C 55 17.60 -23.10 -11.75
CA GLY C 55 18.99 -23.51 -11.67
C GLY C 55 19.99 -22.47 -12.13
N ALA C 56 19.53 -21.27 -12.50
CA ALA C 56 20.43 -20.19 -12.86
C ALA C 56 20.56 -19.19 -11.71
N SER C 57 21.46 -18.22 -11.88
CA SER C 57 21.69 -17.18 -10.88
C SER C 57 22.11 -17.79 -9.54
N ILE C 58 23.27 -18.44 -9.53
CA ILE C 58 23.83 -19.00 -8.31
C ILE C 58 24.68 -17.94 -7.62
N SER C 59 24.79 -18.04 -6.29
CA SER C 59 25.58 -17.09 -5.51
C SER C 59 26.25 -17.81 -4.36
N TYR C 60 27.39 -17.27 -3.92
CA TYR C 60 28.21 -17.86 -2.88
C TYR C 60 28.71 -16.78 -1.93
N THR C 61 29.08 -17.19 -0.73
CA THR C 61 29.80 -16.30 0.17
C THR C 61 31.29 -16.32 -0.16
N GLY C 62 31.97 -15.20 0.14
CA GLY C 62 33.35 -15.06 -0.27
C GLY C 62 34.29 -16.07 0.35
N SER C 63 33.91 -16.65 1.49
CA SER C 63 34.79 -17.57 2.20
C SER C 63 34.94 -18.91 1.49
N VAL C 64 33.99 -19.29 0.64
CA VAL C 64 33.99 -20.61 0.01
C VAL C 64 34.03 -20.53 -1.51
N LYS C 65 34.23 -19.37 -2.11
CA LYS C 65 34.26 -19.26 -3.56
C LYS C 65 35.42 -20.05 -4.13
N GLY C 66 35.15 -20.80 -5.21
CA GLY C 66 36.15 -21.63 -5.84
C GLY C 66 36.25 -23.04 -5.30
N ARG C 67 35.58 -23.34 -4.19
CA ARG C 67 35.67 -24.64 -3.52
C ARG C 67 34.34 -25.38 -3.48
N PHE C 68 33.24 -24.68 -3.24
CA PHE C 68 31.92 -25.30 -3.08
C PHE C 68 31.10 -25.12 -4.35
N THR C 69 30.16 -26.04 -4.57
CA THR C 69 29.27 -26.02 -5.72
C THR C 69 27.88 -26.45 -5.27
N ILE C 70 26.86 -25.85 -5.87
CA ILE C 70 25.46 -26.13 -5.53
C ILE C 70 24.72 -26.51 -6.81
N SER C 71 23.69 -27.32 -6.66
CA SER C 71 22.91 -27.79 -7.80
C SER C 71 21.55 -28.28 -7.33
N ARG C 72 20.60 -28.34 -8.27
CA ARG C 72 19.26 -28.85 -8.05
C ARG C 72 19.01 -30.08 -8.90
N ASP C 73 17.94 -30.81 -8.55
CA ASP C 73 17.36 -31.84 -9.42
C ASP C 73 15.85 -31.76 -9.21
N ASN C 74 15.18 -30.98 -10.06
CA ASN C 74 13.74 -30.78 -9.90
C ASN C 74 12.98 -32.08 -10.13
N ALA C 75 13.49 -32.96 -10.98
CA ALA C 75 12.80 -34.22 -11.26
C ALA C 75 12.85 -35.20 -10.09
N LYS C 76 13.65 -34.92 -9.05
CA LYS C 76 13.78 -35.84 -7.93
C LYS C 76 13.61 -35.14 -6.58
N ASN C 77 13.42 -33.84 -6.55
CA ASN C 77 13.18 -33.09 -5.32
C ASN C 77 14.32 -33.27 -4.33
N THR C 78 15.54 -33.01 -4.81
CA THR C 78 16.73 -33.15 -3.99
C THR C 78 17.70 -32.01 -4.30
N LEU C 79 18.50 -31.66 -3.29
CA LEU C 79 19.45 -30.55 -3.36
C LEU C 79 20.82 -31.06 -2.92
N TYR C 80 21.85 -30.59 -3.62
CA TYR C 80 23.21 -31.10 -3.45
C TYR C 80 24.16 -29.98 -3.06
N LEU C 81 25.26 -30.35 -2.41
CA LEU C 81 26.36 -29.45 -2.09
C LEU C 81 27.65 -30.23 -2.19
N GLN C 82 28.49 -29.89 -3.16
CA GLN C 82 29.78 -30.52 -3.37
C GLN C 82 30.85 -29.65 -2.72
N MET C 83 31.68 -30.28 -1.88
CA MET C 83 32.68 -29.58 -1.08
C MET C 83 34.04 -30.18 -1.38
N ASN C 84 35.01 -29.32 -1.70
CA ASN C 84 36.36 -29.74 -2.05
C ASN C 84 37.38 -28.90 -1.31
N SER C 85 38.53 -29.52 -1.02
CA SER C 85 39.64 -28.85 -0.34
C SER C 85 39.17 -28.26 1.00
N LEU C 86 38.59 -29.11 1.83
CA LEU C 86 38.04 -28.66 3.10
C LEU C 86 39.14 -28.18 4.04
N LYS C 87 38.81 -27.20 4.88
CA LYS C 87 39.70 -26.62 5.85
C LYS C 87 39.18 -26.86 7.26
N PRO C 88 40.03 -26.75 8.29
CA PRO C 88 39.56 -27.03 9.66
C PRO C 88 38.39 -26.18 10.11
N GLU C 89 38.32 -24.91 9.70
CA GLU C 89 37.26 -24.03 10.17
C GLU C 89 35.91 -24.33 9.54
N ASP C 90 35.84 -25.26 8.59
CA ASP C 90 34.56 -25.66 8.01
C ASP C 90 33.74 -26.55 8.94
N THR C 91 34.29 -26.96 10.08
CA THR C 91 33.57 -27.80 11.02
C THR C 91 32.34 -27.07 11.54
N ALA C 92 31.16 -27.61 11.25
CA ALA C 92 29.91 -26.99 11.65
C ALA C 92 28.77 -27.96 11.35
N VAL C 93 27.55 -27.53 11.65
CA VAL C 93 26.34 -28.27 11.31
C VAL C 93 25.63 -27.54 10.17
N TYR C 94 25.31 -28.27 9.11
CA TYR C 94 24.75 -27.70 7.89
C TYR C 94 23.27 -28.04 7.78
N TYR C 95 22.46 -27.03 7.49
CA TYR C 95 21.00 -27.17 7.42
C TYR C 95 20.50 -26.86 6.02
N CYS C 96 19.36 -27.47 5.69
CA CYS C 96 18.67 -27.26 4.42
C CYS C 96 17.43 -26.40 4.66
N ALA C 97 17.34 -25.29 3.93
CA ALA C 97 16.31 -24.29 4.17
C ALA C 97 15.73 -23.83 2.83
N ARG C 98 14.47 -23.39 2.88
CA ARG C 98 13.78 -22.83 1.73
C ARG C 98 13.14 -21.50 2.08
N CYS C 99 13.05 -20.61 1.09
CA CYS C 99 12.49 -19.29 1.32
C CYS C 99 10.97 -19.39 1.47
N PRO C 100 10.35 -18.49 2.22
CA PRO C 100 8.98 -18.74 2.69
C PRO C 100 7.91 -18.71 1.61
N ALA C 101 8.10 -17.97 0.52
CA ALA C 101 7.04 -17.74 -0.45
C ALA C 101 7.34 -18.46 -1.78
N PRO C 102 6.30 -18.76 -2.57
CA PRO C 102 6.51 -19.66 -3.72
C PRO C 102 6.98 -19.00 -5.00
N PHE C 103 6.86 -17.67 -5.15
CA PHE C 103 7.26 -17.03 -6.40
C PHE C 103 7.96 -15.68 -6.17
N THR C 104 8.57 -15.47 -5.01
CA THR C 104 9.16 -14.19 -4.66
C THR C 104 10.69 -14.26 -4.74
N ARG C 105 11.31 -13.08 -4.61
CA ARG C 105 12.75 -12.97 -4.47
C ARG C 105 13.18 -12.69 -3.04
N ASP C 106 12.28 -12.86 -2.07
CA ASP C 106 12.55 -12.51 -0.68
C ASP C 106 12.87 -13.76 0.14
N CYS C 107 13.93 -13.67 0.94
CA CYS C 107 14.36 -14.76 1.80
C CYS C 107 14.74 -14.18 3.18
N PHE C 108 13.81 -13.42 3.77
CA PHE C 108 14.09 -12.68 5.00
C PHE C 108 14.68 -13.57 6.09
N ASP C 109 13.91 -14.55 6.57
CA ASP C 109 14.13 -15.13 7.88
C ASP C 109 14.77 -16.51 7.85
N VAL C 110 15.53 -16.83 6.79
CA VAL C 110 16.11 -18.17 6.68
C VAL C 110 17.15 -18.40 7.78
N THR C 111 17.90 -17.37 8.15
CA THR C 111 18.93 -17.50 9.17
C THR C 111 18.42 -17.23 10.58
N SER C 112 17.13 -16.94 10.75
CA SER C 112 16.60 -16.64 12.07
C SER C 112 16.55 -17.91 12.92
N THR C 113 16.61 -17.70 14.23
CA THR C 113 16.46 -18.82 15.17
C THR C 113 15.02 -19.29 15.18
N THR C 114 14.83 -20.60 15.30
CA THR C 114 13.51 -21.22 15.32
C THR C 114 12.75 -21.00 14.02
N TYR C 115 13.46 -20.89 12.90
CA TYR C 115 12.80 -20.77 11.60
C TYR C 115 12.08 -22.07 11.28
N ALA C 116 10.94 -21.95 10.59
CA ALA C 116 10.04 -23.09 10.45
C ALA C 116 10.47 -24.05 9.34
N TYR C 117 10.69 -23.53 8.13
CA TYR C 117 10.93 -24.37 6.96
C TYR C 117 12.42 -24.71 6.80
N ARG C 118 12.98 -25.38 7.81
CA ARG C 118 14.38 -25.76 7.83
C ARG C 118 14.50 -27.17 8.40
N GLY C 119 15.57 -27.87 8.03
CA GLY C 119 15.77 -29.24 8.44
C GLY C 119 16.44 -29.36 9.81
N GLN C 120 16.88 -30.58 10.09
CA GLN C 120 17.48 -30.90 11.39
C GLN C 120 19.00 -30.75 11.40
N GLY C 121 19.66 -31.04 10.28
CA GLY C 121 21.08 -30.79 10.14
C GLY C 121 21.92 -32.07 10.20
N THR C 122 23.16 -31.94 9.70
CA THR C 122 24.14 -33.02 9.73
C THR C 122 25.48 -32.47 10.17
N GLN C 123 26.26 -33.32 10.85
CA GLN C 123 27.55 -32.90 11.38
C GLN C 123 28.66 -33.16 10.36
N VAL C 124 29.52 -32.17 10.18
CA VAL C 124 30.72 -32.27 9.35
C VAL C 124 31.91 -31.84 10.19
N THR C 125 32.96 -32.66 10.20
CA THR C 125 34.14 -32.42 11.01
C THR C 125 35.38 -32.58 10.15
N VAL C 126 36.32 -31.65 10.28
CA VAL C 126 37.61 -31.69 9.60
C VAL C 126 38.70 -31.62 10.66
N SER C 127 39.52 -32.65 10.73
CA SER C 127 40.57 -32.72 11.75
C SER C 127 41.70 -33.61 11.25
N SER C 128 42.86 -33.47 11.88
CA SER C 128 44.03 -34.27 11.54
C SER C 128 44.05 -35.56 12.36
N THR D 17 -43.20 12.73 13.13
CA THR D 17 -42.24 13.88 12.99
C THR D 17 -40.94 13.61 13.72
N GLU D 18 -40.97 12.71 14.71
CA GLU D 18 -39.76 12.40 15.47
C GLU D 18 -38.69 11.78 14.59
N ASP D 19 -39.08 11.04 13.54
CA ASP D 19 -38.09 10.49 12.62
C ASP D 19 -37.33 11.62 11.93
N GLN D 20 -38.05 12.67 11.51
CA GLN D 20 -37.38 13.83 10.92
C GLN D 20 -36.44 14.47 11.91
N ARG D 21 -36.85 14.58 13.17
CA ARG D 21 -35.99 15.19 14.18
C ARG D 21 -34.73 14.38 14.42
N ASN D 22 -34.86 13.04 14.51
CA ASN D 22 -33.68 12.21 14.71
C ASN D 22 -32.74 12.29 13.51
N GLU D 23 -33.29 12.28 12.30
CA GLU D 23 -32.46 12.43 11.11
C GLU D 23 -31.74 13.77 11.12
N GLU D 24 -32.44 14.83 11.51
CA GLU D 24 -31.81 16.15 11.57
C GLU D 24 -30.67 16.17 12.59
N LYS D 25 -30.93 15.66 13.79
CA LYS D 25 -29.88 15.63 14.81
C LYS D 25 -28.67 14.85 14.31
N ALA D 26 -28.87 13.65 13.79
CA ALA D 26 -27.74 12.88 13.27
C ALA D 26 -26.98 13.67 12.22
N GLN D 27 -27.64 13.98 11.09
CA GLN D 27 -26.95 14.54 9.94
C GLN D 27 -26.28 15.87 10.28
N ARG D 28 -26.93 16.70 11.09
CA ARG D 28 -26.38 18.01 11.41
C ARG D 28 -25.30 17.91 12.46
N GLU D 29 -25.64 17.41 13.65
CA GLU D 29 -24.70 17.44 14.76
C GLU D 29 -23.50 16.54 14.50
N ALA D 30 -23.72 15.26 14.20
CA ALA D 30 -22.61 14.31 14.26
C ALA D 30 -21.73 14.41 13.02
N ASN D 31 -22.32 14.26 11.84
CA ASN D 31 -21.53 14.10 10.62
C ASN D 31 -20.70 15.34 10.32
N LYS D 32 -21.32 16.53 10.37
CA LYS D 32 -20.60 17.74 10.00
C LYS D 32 -19.51 18.06 11.01
N LYS D 33 -19.79 17.90 12.32
CA LYS D 33 -18.77 18.15 13.33
C LYS D 33 -17.61 17.19 13.17
N ILE D 34 -17.88 15.93 12.86
CA ILE D 34 -16.79 14.97 12.65
C ILE D 34 -15.98 15.36 11.42
N GLU D 35 -16.65 15.72 10.34
CA GLU D 35 -15.95 16.06 9.10
C GLU D 35 -15.10 17.30 9.26
N LYS D 36 -15.53 18.26 10.07
CA LYS D 36 -14.72 19.45 10.33
C LYS D 36 -13.40 19.07 10.97
N GLN D 37 -13.44 18.21 11.99
CA GLN D 37 -12.20 17.77 12.65
C GLN D 37 -11.34 16.96 11.71
N LEU D 38 -11.94 16.12 10.87
CA LEU D 38 -11.15 15.34 9.91
C LEU D 38 -10.44 16.26 8.92
N GLN D 39 -11.14 17.29 8.43
CA GLN D 39 -10.52 18.26 7.54
C GLN D 39 -9.38 18.99 8.24
N LYS D 40 -9.57 19.30 9.52
CA LYS D 40 -8.51 19.94 10.29
C LYS D 40 -7.29 19.03 10.40
N ASP D 41 -7.51 17.74 10.62
CA ASP D 41 -6.40 16.81 10.85
C ASP D 41 -5.68 16.47 9.55
N LYS D 42 -6.36 16.57 8.41
CA LYS D 42 -5.76 16.18 7.16
C LYS D 42 -4.52 17.02 6.84
N GLN D 43 -4.59 18.32 7.07
CA GLN D 43 -3.44 19.19 6.80
C GLN D 43 -2.24 18.82 7.65
N VAL D 44 -2.47 18.58 8.94
CA VAL D 44 -1.38 18.20 9.84
C VAL D 44 -0.78 16.88 9.40
N TYR D 45 -1.62 15.93 8.97
CA TYR D 45 -1.10 14.66 8.48
C TYR D 45 -0.25 14.85 7.23
N ARG D 46 -0.70 15.71 6.31
CA ARG D 46 0.02 15.86 5.05
C ARG D 46 1.30 16.67 5.21
N ALA D 47 1.40 17.48 6.26
CA ALA D 47 2.56 18.36 6.40
C ALA D 47 3.76 17.70 7.08
N THR D 48 3.65 16.44 7.50
CA THR D 48 4.69 15.77 8.27
C THR D 48 5.25 14.60 7.48
N HIS D 49 6.54 14.30 7.69
CA HIS D 49 7.23 13.19 7.06
C HIS D 49 7.61 12.17 8.11
N ARG D 50 7.41 10.89 7.80
CA ARG D 50 7.66 9.80 8.72
C ARG D 50 8.66 8.82 8.11
N LEU D 51 9.59 8.35 8.94
CA LEU D 51 10.75 7.58 8.50
C LEU D 51 10.90 6.31 9.32
N LEU D 52 11.51 5.29 8.73
CA LEU D 52 11.79 4.03 9.39
C LEU D 52 13.29 3.85 9.53
N LEU D 53 13.73 3.46 10.73
CA LEU D 53 15.15 3.30 11.05
C LEU D 53 15.46 1.82 11.25
N LEU D 54 16.45 1.33 10.52
CA LEU D 54 16.86 -0.07 10.56
C LEU D 54 18.36 -0.16 10.77
N GLY D 55 18.79 -1.30 11.33
CA GLY D 55 20.19 -1.53 11.58
C GLY D 55 20.44 -2.68 12.54
N ALA D 56 21.66 -3.20 12.56
CA ALA D 56 22.02 -4.26 13.48
C ALA D 56 22.34 -3.71 14.86
N ASP D 57 22.53 -4.62 15.82
CA ASP D 57 22.79 -4.21 17.19
C ASP D 57 24.16 -3.57 17.34
N ASN D 58 25.16 -4.00 16.54
CA ASN D 58 26.49 -3.44 16.65
C ASN D 58 26.60 -2.05 16.03
N SER D 59 25.65 -1.67 15.18
CA SER D 59 25.68 -0.35 14.59
C SER D 59 25.31 0.71 15.62
N GLY D 60 25.64 1.96 15.30
CA GLY D 60 25.40 3.07 16.21
C GLY D 60 24.20 3.91 15.82
N LYS D 61 23.12 3.26 15.41
CA LYS D 61 21.92 4.01 15.03
C LYS D 61 21.34 4.77 16.20
N SER D 62 21.35 4.17 17.39
CA SER D 62 20.91 4.88 18.59
C SER D 62 21.78 6.10 18.84
N THR D 63 23.09 5.97 18.61
CA THR D 63 23.97 7.13 18.73
C THR D 63 23.59 8.22 17.74
N ILE D 64 23.25 7.83 16.51
CA ILE D 64 22.86 8.81 15.50
C ILE D 64 21.61 9.57 15.95
N VAL D 65 20.58 8.83 16.37
CA VAL D 65 19.32 9.49 16.72
C VAL D 65 19.50 10.37 17.96
N LYS D 66 20.27 9.90 18.95
CA LYS D 66 20.53 10.72 20.13
C LYS D 66 21.31 11.97 19.76
N GLN D 67 22.31 11.84 18.89
CA GLN D 67 23.12 12.99 18.50
C GLN D 67 22.28 14.03 17.78
N MET D 68 21.40 13.60 16.87
CA MET D 68 20.61 14.57 16.13
C MET D 68 19.40 15.05 16.93
N ARG D 69 19.03 14.35 18.00
CA ARG D 69 18.06 14.89 18.94
C ARG D 69 18.70 15.98 19.80
N ILE D 70 19.97 15.81 20.15
CA ILE D 70 20.67 16.87 20.89
C ILE D 70 20.71 18.14 20.05
N LEU D 71 20.90 18.00 18.73
CA LEU D 71 20.82 19.14 17.84
C LEU D 71 19.40 19.68 17.73
N HIS D 72 18.40 18.85 17.97
CA HIS D 72 16.99 19.25 17.90
C HIS D 72 16.64 19.78 16.51
N SER D 78 8.28 13.41 21.87
CA SER D 78 7.72 12.27 22.57
C SER D 78 8.82 11.43 23.20
N GLY D 79 8.43 10.45 24.00
CA GLY D 79 9.39 9.59 24.65
C GLY D 79 8.74 8.30 25.13
N GLY D 80 9.57 7.45 25.74
CA GLY D 80 9.11 6.14 26.16
C GLY D 80 9.13 5.15 25.01
N THR D 81 9.02 3.87 25.37
CA THR D 81 9.05 2.81 24.38
C THR D 81 8.23 1.62 24.87
N SER D 82 7.33 1.16 24.02
CA SER D 82 6.60 -0.09 24.25
C SER D 82 6.27 -0.68 22.90
N GLY D 83 7.11 -1.58 22.41
CA GLY D 83 6.96 -2.12 21.08
C GLY D 83 7.67 -1.28 20.02
N ILE D 84 7.53 0.06 20.13
CA ILE D 84 8.16 0.99 19.20
C ILE D 84 8.74 2.14 20.02
N PHE D 85 9.83 2.72 19.49
CA PHE D 85 10.43 3.93 20.02
C PHE D 85 10.26 5.05 19.00
N GLU D 86 10.14 6.28 19.49
CA GLU D 86 9.80 7.42 18.66
C GLU D 86 10.80 8.55 18.88
N THR D 87 10.91 9.42 17.89
CA THR D 87 11.86 10.51 17.90
C THR D 87 11.30 11.68 17.10
N LYS D 88 11.52 12.90 17.60
CA LYS D 88 11.10 14.13 16.95
C LYS D 88 12.31 15.02 16.68
N PHE D 89 12.36 15.61 15.50
CA PHE D 89 13.35 16.62 15.20
C PHE D 89 12.82 17.49 14.07
N GLN D 90 13.35 18.72 14.00
CA GLN D 90 12.85 19.74 13.08
C GLN D 90 14.01 20.49 12.46
N VAL D 91 13.92 20.74 11.16
CA VAL D 91 14.91 21.50 10.42
C VAL D 91 14.17 22.38 9.41
N ASP D 92 14.44 23.69 9.46
CA ASP D 92 13.76 24.66 8.60
C ASP D 92 12.25 24.58 8.76
N LYS D 93 11.80 24.43 10.00
CA LYS D 93 10.38 24.43 10.38
C LYS D 93 9.60 23.28 9.77
N VAL D 94 10.27 22.21 9.35
CA VAL D 94 9.62 21.02 8.81
C VAL D 94 9.79 19.89 9.82
N ASN D 95 8.70 19.17 10.07
CA ASN D 95 8.64 18.17 11.13
C ASN D 95 8.93 16.78 10.57
N PHE D 96 9.76 16.02 11.27
CA PHE D 96 10.09 14.65 10.92
C PHE D 96 9.81 13.73 12.10
N HIS D 97 9.21 12.58 11.81
CA HIS D 97 8.98 11.53 12.81
C HIS D 97 9.77 10.30 12.41
N MET D 98 10.48 9.71 13.36
CA MET D 98 11.33 8.54 13.12
C MET D 98 10.96 7.46 14.13
N PHE D 99 10.83 6.22 13.62
CA PHE D 99 10.35 5.10 14.41
C PHE D 99 11.39 3.98 14.41
N ASP D 100 11.56 3.35 15.57
CA ASP D 100 12.51 2.26 15.75
C ASP D 100 11.78 1.09 16.40
N VAL D 101 11.61 0.00 15.64
CA VAL D 101 10.85 -1.16 16.09
C VAL D 101 11.77 -2.13 16.82
N GLY D 102 11.95 -1.93 18.13
CA GLY D 102 12.85 -2.76 18.91
C GLY D 102 12.17 -3.77 19.83
N GLY D 103 10.84 -3.72 19.93
CA GLY D 103 10.14 -4.58 20.86
C GLY D 103 9.68 -5.91 20.30
N GLN D 104 10.06 -6.21 19.05
CA GLN D 104 9.64 -7.43 18.39
C GLN D 104 10.74 -8.49 18.45
N ARG D 105 10.37 -9.71 18.08
CA ARG D 105 11.31 -10.84 18.08
C ARG D 105 11.97 -10.94 16.71
N ASP D 106 12.65 -12.08 16.47
CA ASP D 106 13.68 -12.15 15.44
C ASP D 106 13.12 -11.99 14.02
N GLU D 107 11.93 -12.52 13.73
CA GLU D 107 11.42 -12.57 12.37
C GLU D 107 10.74 -11.26 11.99
N ARG D 108 10.98 -10.81 10.76
CA ARG D 108 10.55 -9.50 10.28
C ARG D 108 9.46 -9.54 9.23
N ARG D 109 9.24 -10.68 8.57
CA ARG D 109 8.59 -10.67 7.27
C ARG D 109 7.12 -10.23 7.30
N LYS D 110 6.51 -10.13 8.49
CA LYS D 110 5.11 -9.76 8.58
C LYS D 110 4.92 -8.31 9.03
N TRP D 111 5.59 -7.89 10.09
CA TRP D 111 5.41 -6.51 10.56
C TRP D 111 6.19 -5.51 9.71
N ILE D 112 7.06 -5.99 8.81
CA ILE D 112 7.85 -5.06 8.00
C ILE D 112 6.97 -4.30 7.03
N GLN D 113 5.93 -4.94 6.50
CA GLN D 113 5.10 -4.34 5.45
C GLN D 113 4.10 -3.33 5.97
N CYS D 114 4.13 -3.01 7.27
CA CYS D 114 3.29 -1.92 7.77
C CYS D 114 3.82 -0.56 7.33
N PHE D 115 5.06 -0.49 6.84
CA PHE D 115 5.73 0.75 6.49
C PHE D 115 5.85 0.97 4.99
N ASN D 116 4.84 0.60 4.22
CA ASN D 116 4.90 0.78 2.77
C ASN D 116 4.73 2.24 2.36
N ASP D 117 4.29 3.10 3.28
CA ASP D 117 3.92 4.47 2.97
C ASP D 117 4.95 5.50 3.42
N VAL D 118 6.04 5.08 4.05
CA VAL D 118 7.02 6.05 4.56
C VAL D 118 7.68 6.76 3.39
N THR D 119 8.27 7.92 3.69
CA THR D 119 9.00 8.67 2.66
C THR D 119 10.34 8.04 2.34
N ALA D 120 11.04 7.50 3.34
CA ALA D 120 12.34 6.90 3.11
C ALA D 120 12.66 5.94 4.26
N ILE D 121 13.68 5.11 4.03
CA ILE D 121 14.19 4.17 5.01
C ILE D 121 15.63 4.54 5.31
N ILE D 122 16.00 4.51 6.59
CA ILE D 122 17.37 4.81 7.02
C ILE D 122 18.04 3.48 7.35
N PHE D 123 19.16 3.19 6.69
CA PHE D 123 19.91 1.95 6.85
C PHE D 123 21.30 2.28 7.35
N VAL D 124 21.69 1.68 8.47
CA VAL D 124 22.98 1.96 9.12
C VAL D 124 23.78 0.67 9.15
N VAL D 125 25.07 0.78 8.84
CA VAL D 125 25.97 -0.36 8.74
C VAL D 125 27.27 -0.03 9.45
N ASP D 126 27.85 -1.03 10.12
CA ASP D 126 29.18 -0.92 10.72
C ASP D 126 30.22 -1.24 9.66
N SER D 127 30.91 -0.22 9.18
CA SER D 127 31.83 -0.41 8.06
C SER D 127 33.12 -1.12 8.49
N SER D 128 33.48 -1.04 9.77
CA SER D 128 34.74 -1.61 10.25
C SER D 128 34.65 -3.09 10.57
N ASP D 129 33.46 -3.69 10.52
CA ASP D 129 33.28 -5.10 10.85
C ASP D 129 33.20 -5.94 9.58
N TYR D 130 34.33 -6.50 9.14
CA TYR D 130 34.34 -7.29 7.92
C TYR D 130 33.49 -8.55 8.05
N ASN D 131 33.49 -9.15 9.24
CA ASN D 131 32.84 -10.44 9.41
C ASN D 131 31.34 -10.37 9.18
N ARG D 132 30.70 -9.29 9.65
CA ARG D 132 29.25 -9.18 9.61
C ARG D 132 28.73 -8.40 8.40
N LEU D 133 29.60 -8.08 7.43
CA LEU D 133 29.17 -7.24 6.32
C LEU D 133 28.24 -7.98 5.37
N GLN D 134 28.45 -9.29 5.19
CA GLN D 134 27.61 -10.05 4.27
C GLN D 134 26.17 -10.12 4.77
N GLU D 135 25.96 -10.23 6.08
CA GLU D 135 24.60 -10.26 6.61
C GLU D 135 23.86 -8.97 6.30
N ALA D 136 24.52 -7.82 6.50
CA ALA D 136 23.91 -6.54 6.17
C ALA D 136 23.63 -6.44 4.69
N LEU D 137 24.55 -6.95 3.86
CA LEU D 137 24.35 -6.90 2.42
C LEU D 137 23.14 -7.73 1.99
N ASN D 138 22.99 -8.92 2.58
CA ASN D 138 21.83 -9.76 2.29
C ASN D 138 20.53 -9.08 2.74
N LEU D 139 20.54 -8.48 3.93
CA LEU D 139 19.35 -7.78 4.40
C LEU D 139 18.99 -6.62 3.47
N PHE D 140 19.99 -5.87 3.02
CA PHE D 140 19.73 -4.77 2.09
C PHE D 140 19.12 -5.28 0.79
N LYS D 141 19.65 -6.38 0.25
CA LYS D 141 19.10 -6.94 -0.97
C LYS D 141 17.66 -7.38 -0.79
N SER D 142 17.38 -8.07 0.33
CA SER D 142 16.02 -8.53 0.59
C SER D 142 15.05 -7.37 0.71
N ILE D 143 15.45 -6.30 1.41
CA ILE D 143 14.59 -5.13 1.54
C ILE D 143 14.37 -4.47 0.18
N TRP D 144 15.43 -4.40 -0.63
CA TRP D 144 15.34 -3.75 -1.93
C TRP D 144 14.37 -4.47 -2.86
N ASN D 145 14.39 -5.81 -2.86
CA ASN D 145 13.61 -6.58 -3.83
C ASN D 145 12.23 -7.01 -3.34
N ASN D 146 11.78 -6.55 -2.17
CA ASN D 146 10.48 -6.97 -1.67
C ASN D 146 9.35 -6.32 -2.46
N ARG D 147 8.23 -7.05 -2.59
CA ARG D 147 7.11 -6.58 -3.38
C ARG D 147 6.52 -5.28 -2.83
N TRP D 148 6.26 -5.24 -1.53
CA TRP D 148 5.59 -4.10 -0.91
C TRP D 148 6.53 -2.97 -0.53
N LEU D 149 7.84 -3.19 -0.60
CA LEU D 149 8.83 -2.15 -0.30
C LEU D 149 9.46 -1.57 -1.55
N ARG D 150 8.95 -1.90 -2.73
CA ARG D 150 9.35 -1.18 -3.94
C ARG D 150 8.92 0.28 -3.84
N THR D 151 9.43 1.09 -4.75
CA THR D 151 9.09 2.50 -4.89
C THR D 151 9.43 3.33 -3.67
N ILE D 152 10.26 2.83 -2.75
CA ILE D 152 10.67 3.55 -1.55
C ILE D 152 12.19 3.66 -1.58
N SER D 153 12.69 4.89 -1.53
CA SER D 153 14.12 5.13 -1.55
C SER D 153 14.73 4.81 -0.18
N VAL D 154 16.06 4.72 -0.15
CA VAL D 154 16.81 4.36 1.05
C VAL D 154 17.96 5.34 1.22
N ILE D 155 18.17 5.77 2.46
CA ILE D 155 19.32 6.57 2.85
C ILE D 155 20.29 5.63 3.57
N LEU D 156 21.50 5.50 3.03
CA LEU D 156 22.48 4.54 3.53
C LEU D 156 23.59 5.31 4.24
N PHE D 157 23.91 4.88 5.47
CA PHE D 157 24.95 5.49 6.28
C PHE D 157 26.04 4.47 6.55
N LEU D 158 27.28 4.84 6.21
CA LEU D 158 28.47 4.06 6.55
C LEU D 158 29.09 4.73 7.77
N ASN D 159 29.06 4.05 8.92
CA ASN D 159 28.97 4.76 10.19
C ASN D 159 30.32 4.99 10.87
N LYS D 160 31.28 4.07 10.73
CA LYS D 160 32.43 4.01 11.63
C LYS D 160 33.74 4.11 10.83
N GLN D 161 33.82 5.15 10.00
CA GLN D 161 35.02 5.40 9.22
C GLN D 161 36.26 5.55 10.09
N ASP D 162 36.11 6.11 11.29
CA ASP D 162 37.27 6.36 12.15
C ASP D 162 37.93 5.05 12.58
N LEU D 163 37.13 4.03 12.88
CA LEU D 163 37.67 2.73 13.22
C LEU D 163 38.22 2.01 11.98
N LEU D 164 37.54 2.18 10.84
CA LEU D 164 37.99 1.54 9.61
C LEU D 164 39.37 2.05 9.21
N ALA D 165 39.64 3.33 9.39
CA ALA D 165 40.93 3.89 9.02
C ALA D 165 42.06 3.19 9.75
N GLU D 166 41.96 3.10 11.08
CA GLU D 166 43.02 2.46 11.85
C GLU D 166 43.07 0.96 11.60
N LYS D 167 41.92 0.33 11.38
CA LYS D 167 41.92 -1.10 11.06
C LYS D 167 42.68 -1.38 9.76
N VAL D 168 42.48 -0.53 8.75
CA VAL D 168 43.18 -0.70 7.48
C VAL D 168 44.67 -0.41 7.66
N LEU D 169 44.99 0.69 8.35
CA LEU D 169 46.39 1.08 8.48
C LEU D 169 47.18 0.15 9.40
N ALA D 170 46.51 -0.64 10.24
CA ALA D 170 47.22 -1.60 11.07
C ALA D 170 47.74 -2.78 10.28
N GLY D 171 46.98 -3.27 9.30
CA GLY D 171 47.42 -4.35 8.45
C GLY D 171 47.32 -5.74 9.04
N LYS D 172 46.76 -5.88 10.25
CA LYS D 172 46.69 -7.20 10.87
C LYS D 172 45.63 -8.08 10.21
N SER D 173 44.49 -7.50 9.84
CA SER D 173 43.39 -8.22 9.22
C SER D 173 43.21 -7.70 7.81
N LYS D 174 43.10 -8.63 6.85
CA LYS D 174 42.95 -8.27 5.44
C LYS D 174 41.49 -8.40 5.02
N ILE D 175 41.15 -7.67 3.95
CA ILE D 175 39.80 -7.69 3.41
C ILE D 175 39.63 -8.84 2.42
N GLU D 176 40.69 -9.18 1.68
CA GLU D 176 40.56 -10.19 0.62
C GLU D 176 40.29 -11.59 1.17
N ASP D 177 40.48 -11.83 2.47
CA ASP D 177 40.08 -13.08 3.07
C ASP D 177 38.57 -13.22 3.23
N TYR D 178 37.84 -12.11 3.11
CA TYR D 178 36.38 -12.13 3.13
C TYR D 178 35.77 -11.82 1.77
N PHE D 179 36.44 -10.97 0.98
CA PHE D 179 35.97 -10.54 -0.34
C PHE D 179 37.12 -10.70 -1.33
N PRO D 180 37.29 -11.88 -1.93
CA PRO D 180 38.48 -12.10 -2.77
C PRO D 180 38.53 -11.21 -4.01
N GLU D 181 37.42 -10.59 -4.42
CA GLU D 181 37.45 -9.68 -5.55
C GLU D 181 38.16 -8.36 -5.24
N PHE D 182 38.48 -8.11 -3.97
CA PHE D 182 39.12 -6.85 -3.60
C PHE D 182 40.50 -6.72 -4.22
N ALA D 183 41.16 -7.83 -4.54
CA ALA D 183 42.51 -7.78 -5.09
C ALA D 183 42.56 -7.09 -6.45
N ARG D 184 41.48 -7.18 -7.24
CA ARG D 184 41.44 -6.61 -8.57
C ARG D 184 40.82 -5.22 -8.61
N TYR D 185 40.37 -4.69 -7.47
CA TYR D 185 39.65 -3.43 -7.45
C TYR D 185 40.61 -2.26 -7.67
N THR D 186 40.10 -1.20 -8.29
CA THR D 186 40.84 0.04 -8.47
C THR D 186 39.92 1.21 -8.16
N THR D 187 40.46 2.23 -7.50
CA THR D 187 39.66 3.36 -7.05
C THR D 187 39.06 4.08 -8.26
N PRO D 188 37.79 4.48 -8.22
CA PRO D 188 37.22 5.19 -9.37
C PRO D 188 37.74 6.61 -9.48
N GLU D 189 37.55 7.20 -10.65
CA GLU D 189 38.01 8.57 -10.89
C GLU D 189 37.16 9.60 -10.16
N ASP D 190 35.95 9.24 -9.75
CA ASP D 190 35.06 10.18 -9.06
C ASP D 190 35.37 10.30 -7.58
N ALA D 191 36.35 9.56 -7.06
CA ALA D 191 36.68 9.62 -5.64
C ALA D 191 37.12 11.03 -5.26
N THR D 192 36.72 11.46 -4.07
CA THR D 192 37.05 12.78 -3.53
C THR D 192 37.65 12.59 -2.15
N PRO D 193 38.93 12.20 -2.07
CA PRO D 193 39.52 11.95 -0.75
C PRO D 193 39.61 13.22 0.08
N GLU D 194 39.59 13.03 1.40
CA GLU D 194 39.85 14.12 2.32
C GLU D 194 41.32 14.54 2.22
N PRO D 195 41.66 15.76 2.64
CA PRO D 195 43.03 16.24 2.42
C PRO D 195 44.11 15.36 3.05
N GLY D 196 43.86 14.80 4.23
CA GLY D 196 44.82 14.00 4.94
C GLY D 196 44.63 12.50 4.85
N GLU D 197 43.87 12.03 3.87
CA GLU D 197 43.52 10.61 3.81
C GLU D 197 44.60 9.81 3.10
N ASP D 198 44.74 8.54 3.49
CA ASP D 198 45.65 7.60 2.87
C ASP D 198 44.98 6.96 1.64
N PRO D 199 45.69 6.79 0.52
CA PRO D 199 45.02 6.23 -0.68
C PRO D 199 44.39 4.87 -0.49
N ARG D 200 45.01 3.97 0.27
CA ARG D 200 44.45 2.63 0.43
C ARG D 200 43.24 2.61 1.35
N VAL D 201 43.16 3.55 2.30
CA VAL D 201 41.93 3.72 3.07
C VAL D 201 40.79 4.12 2.13
N THR D 202 41.05 5.05 1.22
CA THR D 202 40.04 5.45 0.25
C THR D 202 39.64 4.28 -0.63
N ARG D 203 40.61 3.47 -1.02
CA ARG D 203 40.33 2.30 -1.86
C ARG D 203 39.36 1.35 -1.17
N ALA D 204 39.68 0.96 0.08
CA ALA D 204 38.82 0.02 0.79
C ALA D 204 37.44 0.63 1.04
N LYS D 205 37.41 1.90 1.42
CA LYS D 205 36.16 2.59 1.72
C LYS D 205 35.23 2.62 0.51
N TYR D 206 35.79 2.99 -0.66
CA TYR D 206 34.97 3.05 -1.85
C TYR D 206 34.59 1.66 -2.36
N PHE D 207 35.43 0.65 -2.12
CA PHE D 207 35.05 -0.72 -2.45
C PHE D 207 33.81 -1.13 -1.64
N ILE D 208 33.82 -0.82 -0.35
CA ILE D 208 32.68 -1.18 0.49
C ILE D 208 31.43 -0.47 0.01
N ARG D 209 31.54 0.82 -0.35
CA ARG D 209 30.38 1.54 -0.88
C ARG D 209 29.89 0.90 -2.19
N ASP D 210 30.81 0.56 -3.08
CA ASP D 210 30.42 0.01 -4.38
C ASP D 210 29.73 -1.34 -4.22
N GLU D 211 30.06 -2.09 -3.16
CA GLU D 211 29.38 -3.35 -2.93
C GLU D 211 27.86 -3.15 -2.80
N PHE D 212 27.43 -2.13 -2.06
CA PHE D 212 26.00 -1.83 -1.95
C PHE D 212 25.46 -1.21 -3.24
N LEU D 213 26.22 -0.31 -3.86
CA LEU D 213 25.73 0.35 -5.06
C LEU D 213 25.50 -0.64 -6.20
N ARG D 214 26.29 -1.71 -6.25
CA ARG D 214 26.11 -2.73 -7.29
C ARG D 214 24.75 -3.39 -7.19
N ILE D 215 24.34 -3.80 -5.98
CA ILE D 215 23.02 -4.38 -5.80
C ILE D 215 21.95 -3.34 -6.09
N SER D 216 22.19 -2.10 -5.65
CA SER D 216 21.18 -1.06 -5.83
C SER D 216 20.88 -0.82 -7.31
N THR D 217 21.92 -0.74 -8.15
CA THR D 217 21.72 -0.34 -9.54
C THR D 217 21.32 -1.51 -10.44
N ALA D 218 21.38 -2.74 -9.96
CA ALA D 218 21.13 -3.90 -10.83
C ALA D 218 19.64 -4.03 -11.14
N SER D 219 18.83 -4.30 -10.12
CA SER D 219 17.39 -4.46 -10.33
C SER D 219 16.63 -3.16 -10.15
N GLY D 220 17.30 -2.10 -9.69
CA GLY D 220 16.60 -0.85 -9.44
C GLY D 220 16.07 -0.25 -10.72
N ASP D 221 14.76 0.01 -10.76
CA ASP D 221 14.16 0.70 -11.88
C ASP D 221 14.31 2.21 -11.69
N GLY D 222 13.75 2.97 -12.63
CA GLY D 222 13.79 4.43 -12.52
C GLY D 222 12.93 5.00 -11.42
N ARG D 223 12.12 4.20 -10.75
CA ARG D 223 11.26 4.62 -9.66
C ARG D 223 11.89 4.44 -8.29
N HIS D 224 13.18 4.16 -8.23
CA HIS D 224 13.81 3.65 -7.01
C HIS D 224 15.26 4.09 -7.01
N TYR D 225 15.69 4.76 -5.93
CA TYR D 225 17.04 5.29 -5.84
C TYR D 225 17.60 5.11 -4.44
N CYS D 226 18.94 5.21 -4.34
CA CYS D 226 19.67 5.04 -3.10
C CYS D 226 20.68 6.16 -2.95
N TYR D 227 20.92 6.60 -1.72
CA TYR D 227 21.77 7.75 -1.42
C TYR D 227 22.80 7.39 -0.36
N PRO D 228 24.05 7.08 -0.72
CA PRO D 228 25.03 6.72 0.30
C PRO D 228 25.73 7.93 0.92
N HIS D 229 26.21 7.75 2.14
CA HIS D 229 26.92 8.79 2.89
C HIS D 229 27.97 8.16 3.78
N PHE D 230 29.04 8.92 4.04
CA PHE D 230 30.06 8.57 5.02
C PHE D 230 29.89 9.43 6.25
N THR D 231 29.87 8.80 7.42
CA THR D 231 29.63 9.51 8.67
C THR D 231 30.47 8.89 9.79
N CYS D 232 30.46 9.57 10.94
CA CYS D 232 31.25 9.17 12.09
C CYS D 232 30.41 9.38 13.35
N ALA D 233 30.91 8.88 14.48
CA ALA D 233 30.18 9.02 15.73
C ALA D 233 30.05 10.50 16.14
N VAL D 234 31.13 11.26 16.01
CA VAL D 234 31.09 12.70 16.30
C VAL D 234 30.77 13.40 14.98
N ASP D 235 29.48 13.56 14.72
CA ASP D 235 29.00 14.13 13.47
C ASP D 235 27.72 14.91 13.75
N THR D 236 27.53 15.99 13.00
CA THR D 236 26.39 16.88 13.23
C THR D 236 25.65 17.28 11.96
N GLU D 237 26.08 16.87 10.77
CA GLU D 237 25.36 17.20 9.55
C GLU D 237 24.30 16.18 9.17
N ASN D 238 24.13 15.11 9.96
CA ASN D 238 23.22 14.05 9.58
C ASN D 238 21.77 14.52 9.47
N ALA D 239 21.38 15.50 10.29
CA ALA D 239 20.01 16.00 10.22
C ALA D 239 19.72 16.66 8.88
N ARG D 240 20.66 17.45 8.38
CA ARG D 240 20.43 18.19 7.15
C ARG D 240 20.50 17.30 5.91
N ARG D 241 21.29 16.23 5.96
CA ARG D 241 21.40 15.32 4.83
C ARG D 241 20.06 14.64 4.53
N ILE D 242 19.37 14.20 5.58
CA ILE D 242 18.06 13.58 5.39
C ILE D 242 17.09 14.58 4.77
N PHE D 243 17.16 15.84 5.21
CA PHE D 243 16.33 16.88 4.61
C PHE D 243 16.63 17.05 3.13
N ASN D 244 17.92 17.07 2.78
CA ASN D 244 18.31 17.26 1.39
C ASN D 244 17.90 16.09 0.50
N ASP D 245 17.90 14.87 1.02
CA ASP D 245 17.48 13.71 0.23
C ASP D 245 15.96 13.63 0.11
N CYS D 246 15.23 13.96 1.19
CA CYS D 246 13.78 14.04 1.11
C CYS D 246 13.35 15.09 0.10
N ARG D 247 14.07 16.22 0.07
CA ARG D 247 13.85 17.25 -0.94
C ARG D 247 13.89 16.66 -2.33
N ASP D 248 14.95 15.90 -2.63
CA ASP D 248 15.13 15.36 -3.98
C ASP D 248 14.02 14.38 -4.33
N ILE D 249 13.66 13.48 -3.43
CA ILE D 249 12.66 12.48 -3.79
C ILE D 249 11.27 13.11 -3.93
N ILE D 250 10.92 14.06 -3.06
CA ILE D 250 9.62 14.71 -3.21
C ILE D 250 9.58 15.53 -4.50
N GLN D 251 10.71 16.16 -4.85
CA GLN D 251 10.78 16.90 -6.10
C GLN D 251 10.58 15.98 -7.30
N ARG D 252 11.19 14.79 -7.27
CA ARG D 252 10.96 13.84 -8.35
C ARG D 252 9.49 13.42 -8.42
N MET D 253 8.86 13.21 -7.27
CA MET D 253 7.44 12.85 -7.27
C MET D 253 6.59 13.95 -7.92
N HIS D 254 6.82 15.20 -7.53
CA HIS D 254 6.05 16.30 -8.08
C HIS D 254 6.32 16.48 -9.57
N LEU D 255 7.57 16.26 -10.01
CA LEU D 255 7.83 16.26 -11.44
C LEU D 255 7.04 15.16 -12.13
N ARG D 256 6.96 13.99 -11.51
CA ARG D 256 6.30 12.86 -12.15
C ARG D 256 4.81 13.10 -12.33
N GLN D 257 4.15 13.72 -11.34
CA GLN D 257 2.69 13.85 -11.43
C GLN D 257 2.28 14.76 -12.58
N TYR D 258 3.08 15.80 -12.88
CA TYR D 258 2.78 16.73 -13.95
C TYR D 258 3.33 16.28 -15.31
N GLU D 259 3.58 14.98 -15.49
CA GLU D 259 4.01 14.41 -16.76
C GLU D 259 5.32 15.00 -17.27
N LEU D 260 6.13 15.58 -16.38
CA LEU D 260 7.46 16.07 -16.76
C LEU D 260 8.55 15.02 -16.60
N LEU D 261 8.21 13.83 -16.12
CA LEU D 261 9.15 12.71 -16.07
C LEU D 261 8.44 11.42 -16.44
N GLN E 31 22.68 -36.83 23.48
CA GLN E 31 22.07 -36.87 22.12
C GLN E 31 21.26 -38.14 21.91
N SER E 32 21.65 -39.22 22.62
CA SER E 32 20.93 -40.49 22.48
C SER E 32 19.48 -40.35 22.92
N GLU E 33 19.24 -39.67 24.05
CA GLU E 33 17.87 -39.46 24.51
C GLU E 33 17.10 -38.59 23.53
N LEU E 34 17.74 -37.55 22.99
CA LEU E 34 17.08 -36.70 22.00
C LEU E 34 16.71 -37.50 20.76
N ASP E 35 17.62 -38.35 20.29
CA ASP E 35 17.31 -39.20 19.14
C ASP E 35 16.18 -40.17 19.45
N GLN E 36 16.17 -40.74 20.67
CA GLN E 36 15.10 -41.64 21.05
C GLN E 36 13.75 -40.92 21.03
N LEU E 37 13.70 -39.69 21.56
CA LEU E 37 12.47 -38.93 21.57
C LEU E 37 12.03 -38.58 20.14
N ARG E 38 13.00 -38.28 19.27
CA ARG E 38 12.68 -38.05 17.87
C ARG E 38 12.07 -39.29 17.24
N GLN E 39 12.61 -40.47 17.57
CA GLN E 39 12.04 -41.71 17.05
C GLN E 39 10.61 -41.91 17.55
N GLU E 40 10.36 -41.64 18.83
CA GLU E 40 9.00 -41.78 19.35
C GLU E 40 8.05 -40.82 18.63
N ALA E 41 8.49 -39.59 18.41
CA ALA E 41 7.67 -38.63 17.68
C ALA E 41 7.37 -39.12 16.27
N GLU E 42 8.37 -39.69 15.59
CA GLU E 42 8.15 -40.20 14.25
C GLU E 42 7.15 -41.36 14.25
N GLN E 43 7.27 -42.27 15.22
CA GLN E 43 6.35 -43.39 15.31
C GLN E 43 4.92 -42.90 15.55
N LEU E 44 4.74 -41.93 16.44
CA LEU E 44 3.40 -41.41 16.68
C LEU E 44 2.85 -40.68 15.47
N LYS E 45 3.70 -39.95 14.74
CA LYS E 45 3.27 -39.30 13.51
C LYS E 45 2.78 -40.34 12.51
N ASN E 46 3.53 -41.42 12.36
CA ASN E 46 3.12 -42.49 11.45
C ASN E 46 1.79 -43.12 11.88
N GLN E 47 1.64 -43.35 13.18
CA GLN E 47 0.40 -43.94 13.69
C GLN E 47 -0.79 -43.04 13.40
N ILE E 48 -0.64 -41.73 13.64
CA ILE E 48 -1.75 -40.81 13.40
C ILE E 48 -2.07 -40.74 11.92
N ARG E 49 -1.03 -40.71 11.07
CA ARG E 49 -1.28 -40.67 9.63
C ARG E 49 -2.02 -41.93 9.17
N ASP E 50 -1.64 -43.09 9.69
CA ASP E 50 -2.34 -44.32 9.34
C ASP E 50 -3.78 -44.29 9.83
N ALA E 51 -4.01 -43.78 11.04
CA ALA E 51 -5.38 -43.70 11.55
C ALA E 51 -6.23 -42.78 10.68
N ARG E 52 -5.65 -41.68 10.19
CA ARG E 52 -6.40 -40.77 9.33
C ARG E 52 -6.82 -41.47 8.03
N LYS E 53 -5.92 -42.26 7.45
CA LYS E 53 -6.17 -42.83 6.13
C LYS E 53 -7.31 -43.85 6.17
N ALA E 54 -7.50 -44.51 7.32
CA ALA E 54 -8.53 -45.54 7.42
C ALA E 54 -9.92 -44.97 7.21
N CYS E 55 -10.17 -43.74 7.66
CA CYS E 55 -11.49 -43.14 7.59
C CYS E 55 -11.82 -42.56 6.22
N ALA E 56 -10.86 -42.51 5.29
CA ALA E 56 -11.07 -41.88 3.99
C ALA E 56 -11.78 -42.84 3.03
N ASP E 57 -13.03 -43.17 3.39
CA ASP E 57 -13.81 -44.09 2.57
C ASP E 57 -14.36 -43.41 1.32
N ALA E 58 -14.70 -42.11 1.41
CA ALA E 58 -15.26 -41.38 0.30
C ALA E 58 -14.80 -39.94 0.36
N THR E 59 -14.88 -39.26 -0.78
CA THR E 59 -14.49 -37.86 -0.91
C THR E 59 -15.72 -37.03 -1.21
N LEU E 60 -15.75 -35.80 -0.68
CA LEU E 60 -16.94 -34.97 -0.79
C LEU E 60 -17.28 -34.67 -2.25
N SER E 61 -16.26 -34.43 -3.08
CA SER E 61 -16.50 -34.12 -4.48
C SER E 61 -17.17 -35.27 -5.23
N GLN E 62 -16.99 -36.50 -4.76
CA GLN E 62 -17.55 -37.66 -5.44
C GLN E 62 -18.96 -38.02 -4.99
N ILE E 63 -19.48 -37.39 -3.93
CA ILE E 63 -20.85 -37.64 -3.48
C ILE E 63 -21.71 -36.39 -3.51
N THR E 64 -21.13 -35.20 -3.68
CA THR E 64 -21.88 -34.00 -4.04
C THR E 64 -21.85 -33.73 -5.54
N ASN E 65 -21.66 -34.77 -6.36
CA ASN E 65 -21.52 -34.57 -7.79
C ASN E 65 -22.85 -34.27 -8.48
N ASN E 66 -23.96 -34.80 -7.94
CA ASN E 66 -25.24 -34.73 -8.62
C ASN E 66 -26.06 -33.49 -8.26
N ILE E 67 -25.60 -32.66 -7.32
CA ILE E 67 -26.40 -31.51 -6.91
C ILE E 67 -26.30 -30.40 -7.96
N ASP E 68 -27.21 -29.42 -7.83
CA ASP E 68 -27.29 -28.34 -8.81
C ASP E 68 -26.19 -27.31 -8.55
N PRO E 69 -25.77 -26.56 -9.57
CA PRO E 69 -24.83 -25.46 -9.35
C PRO E 69 -25.54 -24.17 -8.95
N VAL E 70 -24.73 -23.18 -8.58
CA VAL E 70 -25.20 -21.86 -8.18
C VAL E 70 -24.50 -20.74 -8.95
N GLY E 71 -24.10 -21.01 -10.19
CA GLY E 71 -23.21 -20.13 -10.93
C GLY E 71 -23.80 -18.81 -11.39
N ARG E 72 -25.02 -18.46 -10.97
CA ARG E 72 -25.66 -17.23 -11.41
C ARG E 72 -25.37 -16.04 -10.52
N ILE E 73 -24.47 -16.18 -9.54
CA ILE E 73 -24.30 -15.13 -8.54
C ILE E 73 -23.60 -13.93 -9.16
N GLN E 74 -24.24 -12.77 -9.06
CA GLN E 74 -23.65 -11.50 -9.48
C GLN E 74 -24.25 -10.40 -8.62
N MET E 75 -23.41 -9.46 -8.18
CA MET E 75 -23.83 -8.41 -7.28
C MET E 75 -23.04 -7.14 -7.58
N ARG E 76 -23.56 -6.01 -7.08
CA ARG E 76 -23.00 -4.70 -7.37
C ARG E 76 -22.88 -3.89 -6.08
N THR E 77 -21.90 -3.00 -6.05
CA THR E 77 -21.70 -2.13 -4.90
C THR E 77 -22.69 -0.97 -4.95
N ARG E 78 -23.24 -0.61 -3.78
CA ARG E 78 -24.13 0.55 -3.70
C ARG E 78 -23.94 1.36 -2.43
N ARG E 79 -22.78 1.26 -1.78
CA ARG E 79 -22.38 2.21 -0.75
C ARG E 79 -20.87 2.37 -0.84
N THR E 80 -20.37 3.53 -0.41
CA THR E 80 -18.95 3.80 -0.35
C THR E 80 -18.68 4.76 0.80
N LEU E 81 -18.01 4.27 1.84
CA LEU E 81 -17.66 5.06 3.00
C LEU E 81 -16.31 5.71 2.78
N ARG E 82 -16.23 7.02 2.99
CA ARG E 82 -15.06 7.81 2.66
C ARG E 82 -14.73 8.72 3.81
N GLY E 83 -13.44 8.95 4.05
CA GLY E 83 -13.01 9.81 5.14
C GLY E 83 -11.73 9.40 5.83
N HIS E 84 -11.32 8.14 5.69
CA HIS E 84 -10.03 7.72 6.24
C HIS E 84 -8.88 8.33 5.43
N LEU E 85 -7.80 8.66 6.12
CA LEU E 85 -6.64 9.28 5.49
C LEU E 85 -5.63 8.27 4.97
N ALA E 86 -5.53 7.10 5.60
CA ALA E 86 -4.53 6.10 5.27
C ALA E 86 -5.20 4.76 4.99
N LYS E 87 -4.37 3.73 4.81
CA LYS E 87 -4.86 2.40 4.47
C LYS E 87 -5.54 1.74 5.66
N ILE E 88 -6.50 0.85 5.36
CA ILE E 88 -7.34 0.21 6.38
C ILE E 88 -6.88 -1.22 6.56
N TYR E 89 -6.88 -1.69 7.81
CA TYR E 89 -6.55 -3.08 8.16
C TYR E 89 -7.72 -3.92 8.63
N ALA E 90 -8.63 -3.37 9.42
CA ALA E 90 -9.64 -4.20 10.08
C ALA E 90 -10.97 -3.47 10.13
N MET E 91 -12.03 -4.27 10.12
CA MET E 91 -13.39 -3.80 10.30
C MET E 91 -14.18 -4.92 10.98
N HIS E 92 -15.33 -4.56 11.56
CA HIS E 92 -16.15 -5.55 12.24
C HIS E 92 -17.59 -5.07 12.27
N TRP E 93 -18.52 -6.02 12.12
CA TRP E 93 -19.94 -5.70 12.11
C TRP E 93 -20.52 -5.72 13.52
N GLY E 94 -21.58 -4.94 13.73
CA GLY E 94 -22.34 -5.04 14.94
C GLY E 94 -23.41 -6.11 14.85
N THR E 95 -23.93 -6.51 16.02
CA THR E 95 -24.96 -7.55 16.06
C THR E 95 -26.29 -7.08 15.51
N ASP E 96 -26.54 -5.77 15.47
CA ASP E 96 -27.73 -5.24 14.81
C ASP E 96 -27.60 -5.19 13.30
N SER E 97 -26.39 -5.38 12.76
CA SER E 97 -26.15 -5.39 11.32
C SER E 97 -26.47 -4.03 10.69
N ARG E 98 -26.32 -2.96 11.47
CA ARG E 98 -26.46 -1.59 10.97
C ARG E 98 -25.21 -0.76 11.21
N LEU E 99 -24.61 -0.88 12.39
CA LEU E 99 -23.41 -0.13 12.75
C LEU E 99 -22.17 -0.99 12.64
N LEU E 100 -21.08 -0.39 12.21
CA LEU E 100 -19.81 -1.10 12.07
C LEU E 100 -18.67 -0.14 12.35
N VAL E 101 -17.51 -0.70 12.68
CA VAL E 101 -16.32 0.06 13.03
C VAL E 101 -15.19 -0.35 12.10
N SER E 102 -14.22 0.55 11.93
CA SER E 102 -13.06 0.29 11.10
C SER E 102 -11.84 0.97 11.73
N ALA E 103 -10.66 0.48 11.36
CA ALA E 103 -9.40 0.99 11.88
C ALA E 103 -8.48 1.31 10.71
N SER E 104 -7.71 2.39 10.85
CA SER E 104 -6.76 2.82 9.85
C SER E 104 -5.48 3.25 10.54
N GLN E 105 -4.36 3.14 9.83
CA GLN E 105 -3.07 3.44 10.43
C GLN E 105 -2.73 4.92 10.45
N ASP E 106 -3.67 5.81 10.12
CA ASP E 106 -3.49 7.23 10.40
C ASP E 106 -3.77 7.57 11.87
N GLY E 107 -4.33 6.63 12.63
CA GLY E 107 -4.58 6.83 14.04
C GLY E 107 -6.02 7.14 14.42
N LYS E 108 -7.00 6.59 13.71
CA LYS E 108 -8.41 6.86 13.94
C LYS E 108 -9.22 5.57 13.96
N LEU E 109 -10.25 5.56 14.80
CA LEU E 109 -11.35 4.60 14.73
C LEU E 109 -12.63 5.37 14.42
N ILE E 110 -13.33 4.96 13.36
CA ILE E 110 -14.55 5.60 12.93
C ILE E 110 -15.69 4.58 13.00
N ILE E 111 -16.78 4.99 13.65
CA ILE E 111 -18.02 4.20 13.70
C ILE E 111 -18.99 4.80 12.71
N TRP E 112 -19.53 3.98 11.83
CA TRP E 112 -20.37 4.41 10.72
C TRP E 112 -21.80 3.95 10.93
N ASP E 113 -22.73 4.65 10.27
CA ASP E 113 -24.10 4.19 10.13
C ASP E 113 -24.28 3.74 8.69
N SER E 114 -24.50 2.43 8.50
CA SER E 114 -24.51 1.87 7.15
C SER E 114 -25.65 2.42 6.30
N TYR E 115 -26.85 2.55 6.88
CA TYR E 115 -28.01 2.94 6.10
C TYR E 115 -27.86 4.37 5.57
N THR E 116 -27.51 5.31 6.46
CA THR E 116 -27.43 6.71 6.09
C THR E 116 -26.01 7.17 5.72
N THR E 117 -25.00 6.35 6.00
CA THR E 117 -23.59 6.66 5.74
C THR E 117 -23.05 7.79 6.60
N ASN E 118 -23.75 8.15 7.68
CA ASN E 118 -23.27 9.20 8.56
C ASN E 118 -22.25 8.66 9.56
N LYS E 119 -21.27 9.50 9.90
CA LYS E 119 -20.31 9.16 10.94
C LYS E 119 -20.91 9.48 12.31
N VAL E 120 -20.84 8.51 13.23
CA VAL E 120 -21.41 8.68 14.56
C VAL E 120 -20.34 8.86 15.64
N HIS E 121 -19.12 8.36 15.41
CA HIS E 121 -18.02 8.56 16.35
C HIS E 121 -16.71 8.60 15.60
N ALA E 122 -15.70 9.21 16.23
CA ALA E 122 -14.34 9.23 15.73
C ALA E 122 -13.40 9.32 16.92
N ILE E 123 -12.60 8.28 17.14
CA ILE E 123 -11.76 8.14 18.32
C ILE E 123 -10.31 8.25 17.86
N PRO E 124 -9.53 9.22 18.37
CA PRO E 124 -8.09 9.25 18.04
C PRO E 124 -7.31 8.30 18.94
N LEU E 125 -6.37 7.56 18.35
CA LEU E 125 -5.63 6.52 19.06
C LEU E 125 -4.28 7.06 19.53
N ARG E 126 -3.79 6.46 20.62
CA ARG E 126 -2.49 6.84 21.17
C ARG E 126 -1.36 6.45 20.23
N SER E 127 -1.45 5.28 19.60
CA SER E 127 -0.44 4.78 18.68
C SER E 127 -1.06 4.62 17.29
N SER E 128 -0.28 4.96 16.27
CA SER E 128 -0.82 4.98 14.91
C SER E 128 -0.77 3.61 14.25
N TRP E 129 0.06 2.70 14.75
CA TRP E 129 0.31 1.43 14.07
C TRP E 129 -0.67 0.35 14.55
N VAL E 130 -1.95 0.62 14.31
CA VAL E 130 -3.01 -0.31 14.68
C VAL E 130 -3.20 -1.33 13.56
N MET E 131 -3.51 -2.58 13.95
CA MET E 131 -3.79 -3.62 12.96
C MET E 131 -4.93 -4.56 13.36
N THR E 132 -5.76 -4.19 14.33
CA THR E 132 -6.92 -5.01 14.66
C THR E 132 -7.92 -4.18 15.46
N CYS E 133 -9.18 -4.63 15.45
CA CYS E 133 -10.24 -4.01 16.22
C CYS E 133 -11.39 -4.99 16.36
N ALA E 134 -12.27 -4.71 17.32
CA ALA E 134 -13.42 -5.56 17.56
C ALA E 134 -14.55 -4.72 18.14
N TYR E 135 -15.76 -5.25 18.10
CA TYR E 135 -16.97 -4.57 18.54
C TYR E 135 -17.73 -5.50 19.47
N ALA E 136 -18.14 -5.01 20.63
CA ALA E 136 -18.73 -5.87 21.64
C ALA E 136 -20.10 -6.37 21.17
N PRO E 137 -20.49 -7.60 21.55
CA PRO E 137 -21.85 -8.06 21.18
C PRO E 137 -22.96 -7.24 21.78
N SER E 138 -22.76 -6.65 22.96
CA SER E 138 -23.78 -5.79 23.56
C SER E 138 -23.77 -4.38 22.98
N GLY E 139 -22.70 -3.99 22.31
CA GLY E 139 -22.60 -2.68 21.70
C GLY E 139 -22.12 -1.57 22.62
N ASN E 140 -21.64 -1.89 23.82
CA ASN E 140 -21.22 -0.87 24.77
C ASN E 140 -19.75 -0.52 24.64
N TYR E 141 -18.92 -1.43 24.13
CA TYR E 141 -17.48 -1.26 24.11
C TYR E 141 -16.93 -1.63 22.75
N VAL E 142 -15.73 -1.13 22.47
CA VAL E 142 -14.93 -1.53 21.31
C VAL E 142 -13.50 -1.78 21.78
N ALA E 143 -12.81 -2.69 21.12
CA ALA E 143 -11.44 -3.05 21.44
C ALA E 143 -10.51 -2.65 20.30
N CYS E 144 -9.24 -2.47 20.62
CA CYS E 144 -8.27 -1.99 19.66
C CYS E 144 -6.88 -2.42 20.11
N GLY E 145 -5.94 -2.45 19.16
CA GLY E 145 -4.57 -2.77 19.49
C GLY E 145 -3.77 -2.98 18.23
N GLY E 146 -2.47 -3.21 18.42
CA GLY E 146 -1.59 -3.40 17.29
C GLY E 146 -0.12 -3.52 17.62
N LEU E 147 0.72 -2.75 16.92
CA LEU E 147 2.16 -2.91 16.96
C LEU E 147 2.80 -2.41 18.26
N ASP E 148 2.01 -1.97 19.23
CA ASP E 148 2.51 -1.54 20.53
C ASP E 148 2.33 -2.59 21.62
N ASN E 149 1.89 -3.80 21.28
CA ASN E 149 1.77 -4.93 22.19
C ASN E 149 0.73 -4.72 23.29
N ILE E 150 -0.23 -3.82 23.09
CA ILE E 150 -1.24 -3.50 24.10
C ILE E 150 -2.61 -3.54 23.44
N CYS E 151 -3.60 -3.98 24.22
CA CYS E 151 -5.01 -3.97 23.81
C CYS E 151 -5.77 -2.95 24.65
N SER E 152 -6.53 -2.09 23.98
CA SER E 152 -7.22 -0.97 24.62
C SER E 152 -8.73 -1.13 24.48
N ILE E 153 -9.45 -0.82 25.56
CA ILE E 153 -10.90 -0.94 25.63
C ILE E 153 -11.47 0.47 25.81
N TYR E 154 -12.47 0.81 25.00
CA TYR E 154 -13.11 2.12 25.02
C TYR E 154 -14.58 2.00 25.41
N ASN E 155 -15.05 2.96 26.18
CA ASN E 155 -16.43 3.00 26.65
C ASN E 155 -17.22 3.96 25.75
N LEU E 156 -18.24 3.43 25.07
CA LEU E 156 -19.02 4.21 24.11
C LEU E 156 -20.24 4.90 24.72
N LYS E 157 -20.59 4.59 25.97
CA LYS E 157 -21.82 5.08 26.57
C LYS E 157 -21.61 5.55 28.00
N THR E 158 -20.57 6.34 28.24
CA THR E 158 -20.39 6.93 29.56
C THR E 158 -21.37 8.07 29.77
N ARG E 159 -21.61 8.41 31.04
CA ARG E 159 -22.59 9.43 31.38
C ARG E 159 -22.22 10.80 30.83
N GLU E 160 -20.93 11.08 30.64
CA GLU E 160 -20.50 12.36 30.11
C GLU E 160 -20.77 12.52 28.62
N GLY E 161 -21.00 11.42 27.91
CA GLY E 161 -21.25 11.48 26.48
C GLY E 161 -20.01 11.54 25.61
N ASN E 162 -18.81 11.35 26.18
CA ASN E 162 -17.56 11.40 25.46
C ASN E 162 -16.89 10.03 25.55
N VAL E 163 -16.45 9.51 24.40
CA VAL E 163 -15.75 8.23 24.39
C VAL E 163 -14.41 8.40 25.10
N ARG E 164 -14.08 7.45 25.97
CA ARG E 164 -12.89 7.56 26.80
C ARG E 164 -12.32 6.17 27.07
N VAL E 165 -11.01 6.10 27.25
CA VAL E 165 -10.35 4.83 27.51
C VAL E 165 -10.69 4.36 28.91
N SER E 166 -11.06 3.08 29.04
CA SER E 166 -11.48 2.50 30.30
C SER E 166 -10.55 1.41 30.82
N ARG E 167 -9.76 0.76 29.96
CA ARG E 167 -8.88 -0.30 30.40
C ARG E 167 -7.80 -0.52 29.36
N GLU E 168 -6.61 -0.88 29.83
CA GLU E 168 -5.50 -1.28 28.98
C GLU E 168 -4.93 -2.60 29.48
N LEU E 169 -4.76 -3.54 28.57
CA LEU E 169 -4.28 -4.89 28.89
C LEU E 169 -2.86 -5.03 28.36
N ALA E 170 -1.95 -5.48 29.24
CA ALA E 170 -0.55 -5.63 28.91
C ALA E 170 -0.04 -6.98 29.38
N GLY E 171 1.00 -7.49 28.72
CA GLY E 171 1.58 -8.76 29.07
C GLY E 171 2.09 -9.56 27.89
N HIS E 172 1.60 -9.25 26.68
CA HIS E 172 2.16 -9.88 25.49
C HIS E 172 3.52 -9.28 25.17
N THR E 173 4.41 -10.12 24.61
CA THR E 173 5.74 -9.70 24.21
C THR E 173 5.86 -9.64 22.69
N GLY E 174 4.76 -9.38 22.01
CA GLY E 174 4.77 -9.29 20.55
C GLY E 174 3.53 -8.54 20.10
N TYR E 175 3.57 -8.09 18.85
CA TYR E 175 2.52 -7.26 18.32
C TYR E 175 1.18 -7.97 18.34
N LEU E 176 0.14 -7.25 18.75
CA LEU E 176 -1.20 -7.80 18.83
C LEU E 176 -1.78 -7.91 17.42
N SER E 177 -2.37 -9.06 17.10
CA SER E 177 -2.82 -9.36 15.75
C SER E 177 -4.33 -9.60 15.63
N CYS E 178 -4.99 -10.03 16.69
CA CYS E 178 -6.42 -10.26 16.63
C CYS E 178 -7.01 -10.27 18.04
N CYS E 179 -8.29 -9.99 18.13
CA CYS E 179 -9.01 -10.00 19.41
C CYS E 179 -10.50 -10.13 19.14
N ARG E 180 -11.20 -10.82 20.05
CA ARG E 180 -12.64 -11.06 19.92
C ARG E 180 -13.27 -11.14 21.29
N PHE E 181 -14.36 -10.38 21.48
CA PHE E 181 -15.08 -10.37 22.74
C PHE E 181 -15.82 -11.68 22.98
N LEU E 182 -15.79 -12.14 24.23
CA LEU E 182 -16.68 -13.19 24.70
C LEU E 182 -17.94 -12.60 25.34
N ASP E 183 -17.76 -11.59 26.18
CA ASP E 183 -18.85 -10.82 26.76
C ASP E 183 -18.26 -9.50 27.27
N ASP E 184 -19.04 -8.77 28.06
CA ASP E 184 -18.62 -7.47 28.54
C ASP E 184 -17.38 -7.54 29.44
N ASN E 185 -17.03 -8.70 29.98
CA ASN E 185 -16.01 -8.80 31.02
C ASN E 185 -14.79 -9.63 30.65
N GLN E 186 -14.79 -10.35 29.53
CA GLN E 186 -13.63 -11.15 29.15
C GLN E 186 -13.47 -11.15 27.63
N ILE E 187 -12.22 -11.34 27.20
CA ILE E 187 -11.84 -11.20 25.81
C ILE E 187 -10.64 -12.10 25.53
N VAL E 188 -10.51 -12.57 24.30
CA VAL E 188 -9.43 -13.45 23.88
C VAL E 188 -8.59 -12.73 22.83
N THR E 189 -7.28 -13.03 22.82
CA THR E 189 -6.33 -12.34 21.97
C THR E 189 -5.28 -13.31 21.46
N SER E 190 -4.65 -12.93 20.35
CA SER E 190 -3.49 -13.63 19.81
C SER E 190 -2.42 -12.61 19.47
N SER E 191 -1.16 -13.05 19.51
CA SER E 191 -0.03 -12.13 19.38
C SER E 191 1.07 -12.78 18.56
N GLY E 192 2.03 -11.94 18.16
CA GLY E 192 3.19 -12.40 17.41
C GLY E 192 4.23 -13.12 18.24
N ASP E 193 4.06 -13.17 19.56
CA ASP E 193 4.96 -13.93 20.43
C ASP E 193 4.64 -15.42 20.48
N THR E 194 3.78 -15.92 19.60
CA THR E 194 3.42 -17.33 19.40
C THR E 194 2.44 -17.84 20.45
N THR E 195 1.74 -16.96 21.17
CA THR E 195 0.82 -17.36 22.23
C THR E 195 -0.50 -16.63 22.11
N CYS E 196 -1.52 -17.18 22.79
CA CYS E 196 -2.83 -16.56 22.94
C CYS E 196 -3.18 -16.52 24.42
N ALA E 197 -4.12 -15.64 24.77
CA ALA E 197 -4.45 -15.42 26.17
C ALA E 197 -5.92 -15.08 26.32
N LEU E 198 -6.46 -15.39 27.51
CA LEU E 198 -7.79 -15.01 27.93
C LEU E 198 -7.66 -14.01 29.08
N TRP E 199 -8.44 -12.93 29.01
CA TRP E 199 -8.29 -11.81 29.94
C TRP E 199 -9.57 -11.60 30.74
N ASP E 200 -9.41 -11.08 31.95
CA ASP E 200 -10.51 -10.57 32.75
C ASP E 200 -10.40 -9.06 32.78
N ILE E 201 -11.36 -8.38 32.13
CA ILE E 201 -11.22 -6.95 31.90
C ILE E 201 -11.26 -6.16 33.20
N GLU E 202 -12.07 -6.59 34.16
CA GLU E 202 -12.21 -5.84 35.41
C GLU E 202 -10.88 -5.76 36.16
N THR E 203 -10.24 -6.91 36.38
CA THR E 203 -8.96 -6.93 37.07
C THR E 203 -7.79 -6.64 36.15
N GLY E 204 -7.92 -6.89 34.84
CA GLY E 204 -6.84 -6.66 33.92
C GLY E 204 -5.78 -7.73 33.90
N GLN E 205 -6.06 -8.92 34.43
CA GLN E 205 -5.08 -9.98 34.54
C GLN E 205 -5.39 -11.11 33.56
N GLN E 206 -4.34 -11.79 33.12
CA GLN E 206 -4.51 -12.97 32.28
C GLN E 206 -5.07 -14.12 33.09
N THR E 207 -6.08 -14.80 32.55
CA THR E 207 -6.68 -15.95 33.21
C THR E 207 -6.16 -17.28 32.66
N THR E 208 -5.78 -17.32 31.38
CA THR E 208 -5.30 -18.55 30.76
C THR E 208 -4.36 -18.17 29.63
N THR E 209 -3.43 -19.08 29.33
CA THR E 209 -2.47 -18.91 28.24
C THR E 209 -2.41 -20.17 27.41
N PHE E 210 -2.34 -20.00 26.09
CA PHE E 210 -2.28 -21.09 25.13
C PHE E 210 -0.93 -21.01 24.42
N THR E 211 -0.15 -22.10 24.50
CA THR E 211 1.26 -22.08 24.14
C THR E 211 1.68 -23.26 23.27
N GLY E 212 1.02 -23.52 22.14
CA GLY E 212 1.38 -24.63 21.29
C GLY E 212 2.05 -24.26 19.98
N HIS E 213 1.66 -23.14 19.37
CA HIS E 213 2.13 -22.79 18.03
C HIS E 213 3.63 -22.52 18.03
N THR E 214 4.24 -22.64 16.85
CA THR E 214 5.67 -22.42 16.65
C THR E 214 5.98 -21.08 15.98
N GLY E 215 5.10 -20.59 15.10
CA GLY E 215 5.27 -19.33 14.44
C GLY E 215 4.27 -18.27 14.92
N ASP E 216 4.37 -17.10 14.28
CA ASP E 216 3.48 -16.01 14.62
C ASP E 216 2.03 -16.39 14.38
N VAL E 217 1.16 -16.00 15.31
CA VAL E 217 -0.28 -16.24 15.20
C VAL E 217 -0.95 -14.93 14.83
N MET E 218 -1.81 -14.96 13.80
CA MET E 218 -2.45 -13.74 13.34
C MET E 218 -3.89 -13.92 12.91
N SER E 219 -4.60 -14.91 13.45
CA SER E 219 -6.03 -15.02 13.20
C SER E 219 -6.63 -16.00 14.20
N LEU E 220 -7.87 -15.72 14.60
CA LEU E 220 -8.63 -16.60 15.47
C LEU E 220 -10.11 -16.44 15.14
N SER E 221 -10.89 -17.44 15.55
CA SER E 221 -12.31 -17.47 15.26
C SER E 221 -13.05 -18.15 16.39
N LEU E 222 -14.08 -17.49 16.92
CA LEU E 222 -14.87 -18.05 18.01
C LEU E 222 -15.98 -18.92 17.47
N ALA E 223 -16.29 -19.99 18.19
CA ALA E 223 -17.38 -20.88 17.82
C ALA E 223 -18.72 -20.21 18.13
N PRO E 224 -19.80 -20.66 17.48
CA PRO E 224 -21.12 -20.07 17.78
C PRO E 224 -21.53 -20.22 19.24
N ASP E 225 -21.13 -21.29 19.91
CA ASP E 225 -21.43 -21.46 21.32
C ASP E 225 -20.37 -20.88 22.25
N THR E 226 -19.27 -20.36 21.71
CA THR E 226 -18.15 -19.79 22.48
C THR E 226 -17.55 -20.79 23.47
N ARG E 227 -17.67 -22.09 23.18
CA ARG E 227 -17.05 -23.10 24.02
C ARG E 227 -15.61 -23.38 23.61
N LEU E 228 -15.26 -23.08 22.36
CA LEU E 228 -13.94 -23.40 21.82
C LEU E 228 -13.66 -22.49 20.63
N PHE E 229 -12.38 -22.43 20.25
CA PHE E 229 -11.94 -21.55 19.17
C PHE E 229 -10.73 -22.16 18.47
N VAL E 230 -10.43 -21.64 17.28
CA VAL E 230 -9.38 -22.15 16.41
C VAL E 230 -8.48 -20.99 15.99
N SER E 231 -7.22 -21.29 15.69
CA SER E 231 -6.24 -20.29 15.32
C SER E 231 -5.31 -20.84 14.25
N GLY E 232 -4.68 -19.93 13.50
CA GLY E 232 -3.70 -20.31 12.50
C GLY E 232 -2.47 -19.43 12.62
N ALA E 233 -1.32 -20.00 12.27
CA ALA E 233 -0.03 -19.37 12.49
C ALA E 233 0.85 -19.49 11.26
N CYS E 234 2.05 -18.93 11.36
CA CYS E 234 3.03 -18.95 10.28
C CYS E 234 3.68 -20.32 10.08
N ASP E 235 3.48 -21.25 11.00
CA ASP E 235 4.05 -22.59 10.85
C ASP E 235 3.20 -23.50 9.96
N ALA E 236 2.24 -22.95 9.22
CA ALA E 236 1.42 -23.71 8.28
C ALA E 236 0.60 -24.80 8.98
N SER E 237 0.16 -24.52 10.19
CA SER E 237 -0.69 -25.43 10.95
C SER E 237 -1.75 -24.65 11.71
N ALA E 238 -2.85 -25.33 12.03
CA ALA E 238 -3.94 -24.78 12.82
C ALA E 238 -4.21 -25.70 13.99
N LYS E 239 -4.76 -25.13 15.07
CA LYS E 239 -4.95 -25.87 16.32
C LYS E 239 -6.30 -25.53 16.91
N LEU E 240 -6.89 -26.51 17.59
CA LEU E 240 -8.19 -26.38 18.25
C LEU E 240 -7.98 -26.27 19.75
N TRP E 241 -8.59 -25.26 20.37
CA TRP E 241 -8.35 -24.93 21.77
C TRP E 241 -9.64 -25.02 22.56
N ASP E 242 -9.52 -25.49 23.80
CA ASP E 242 -10.64 -25.54 24.74
C ASP E 242 -10.53 -24.35 25.68
N VAL E 243 -11.56 -23.51 25.70
CA VAL E 243 -11.49 -22.24 26.45
C VAL E 243 -11.35 -22.49 27.93
N ARG E 244 -12.13 -23.41 28.48
CA ARG E 244 -12.12 -23.65 29.93
C ARG E 244 -10.99 -24.56 30.36
N GLU E 245 -10.77 -25.66 29.64
CA GLU E 245 -9.68 -26.58 30.00
C GLU E 245 -8.30 -26.01 29.67
N GLY E 246 -8.23 -25.04 28.77
CA GLY E 246 -6.95 -24.43 28.44
C GLY E 246 -5.94 -25.37 27.82
N MET E 247 -6.36 -26.19 26.87
CA MET E 247 -5.48 -27.17 26.25
C MET E 247 -5.91 -27.40 24.80
N CYS E 248 -4.96 -27.92 24.02
CA CYS E 248 -5.20 -28.26 22.62
C CYS E 248 -5.45 -29.76 22.49
N ARG E 249 -6.32 -30.14 21.56
CA ARG E 249 -6.62 -31.54 21.30
C ARG E 249 -6.69 -31.92 19.83
N GLN E 250 -6.47 -30.98 18.91
CA GLN E 250 -6.42 -31.32 17.49
C GLN E 250 -5.45 -30.37 16.79
N THR E 251 -4.84 -30.88 15.72
CA THR E 251 -3.92 -30.10 14.89
C THR E 251 -4.10 -30.51 13.44
N PHE E 252 -4.01 -29.54 12.54
CA PHE E 252 -4.26 -29.75 11.12
C PHE E 252 -3.06 -29.23 10.33
N THR E 253 -2.63 -30.01 9.33
CA THR E 253 -1.41 -29.73 8.58
C THR E 253 -1.60 -29.89 7.08
N GLY E 254 -2.64 -29.28 6.51
CA GLY E 254 -2.87 -29.38 5.08
C GLY E 254 -2.06 -28.39 4.25
N HIS E 255 -2.05 -27.13 4.66
CA HIS E 255 -1.41 -26.08 3.87
C HIS E 255 0.11 -26.28 3.84
N GLU E 256 0.76 -25.55 2.94
CA GLU E 256 2.20 -25.62 2.75
C GLU E 256 2.90 -24.27 2.85
N SER E 257 2.28 -23.29 3.53
CA SER E 257 2.91 -22.00 3.74
C SER E 257 2.17 -21.27 4.86
N ASP E 258 2.49 -19.98 5.03
CA ASP E 258 1.94 -19.21 6.12
C ASP E 258 0.42 -19.08 6.00
N ILE E 259 -0.26 -19.16 7.14
CA ILE E 259 -1.71 -19.01 7.24
C ILE E 259 -2.01 -17.64 7.83
N ASN E 260 -3.01 -16.96 7.29
CA ASN E 260 -3.34 -15.61 7.70
C ASN E 260 -4.84 -15.31 7.78
N ALA E 261 -5.70 -16.30 7.57
CA ALA E 261 -7.13 -16.11 7.69
C ALA E 261 -7.79 -17.42 8.07
N ILE E 262 -8.90 -17.33 8.81
CA ILE E 262 -9.60 -18.52 9.28
C ILE E 262 -11.01 -18.12 9.69
N CYS E 263 -11.96 -19.04 9.54
CA CYS E 263 -13.37 -18.76 9.80
C CYS E 263 -14.11 -20.06 10.06
N PHE E 264 -15.13 -20.00 10.91
CA PHE E 264 -15.96 -21.16 11.21
C PHE E 264 -17.11 -21.32 10.22
N PHE E 265 -17.52 -22.57 10.03
CA PHE E 265 -18.74 -22.86 9.30
C PHE E 265 -19.95 -22.54 10.19
N PRO E 266 -21.10 -22.18 9.60
CA PRO E 266 -22.23 -21.78 10.46
C PRO E 266 -22.67 -22.79 11.51
N ASN E 267 -22.62 -24.09 11.22
CA ASN E 267 -23.09 -25.08 12.20
C ASN E 267 -22.02 -25.45 13.22
N GLY E 268 -20.78 -25.00 13.04
CA GLY E 268 -19.74 -25.21 14.02
C GLY E 268 -18.99 -26.52 13.91
N ASN E 269 -19.22 -27.31 12.86
CA ASN E 269 -18.56 -28.59 12.69
C ASN E 269 -17.40 -28.55 11.70
N ALA E 270 -17.03 -27.38 11.20
CA ALA E 270 -15.95 -27.27 10.23
C ALA E 270 -15.45 -25.83 10.19
N PHE E 271 -14.36 -25.62 9.46
CA PHE E 271 -13.78 -24.30 9.33
C PHE E 271 -12.98 -24.25 8.03
N ALA E 272 -12.68 -23.02 7.59
CA ALA E 272 -11.94 -22.77 6.35
C ALA E 272 -10.71 -21.92 6.64
N THR E 273 -9.70 -22.05 5.79
CA THR E 273 -8.40 -21.44 6.01
C THR E 273 -7.88 -20.86 4.70
N GLY E 274 -7.11 -19.77 4.80
CA GLY E 274 -6.48 -19.15 3.66
C GLY E 274 -4.99 -18.96 3.92
N SER E 275 -4.19 -19.04 2.86
CA SER E 275 -2.74 -18.99 2.97
C SER E 275 -2.17 -18.22 1.79
N ASP E 276 -0.86 -17.96 1.86
CA ASP E 276 -0.16 -17.25 0.80
C ASP E 276 0.39 -18.18 -0.27
N ASP E 277 0.10 -19.49 -0.18
CA ASP E 277 0.37 -20.40 -1.29
C ASP E 277 -0.72 -20.36 -2.35
N ALA E 278 -1.68 -19.44 -2.26
CA ALA E 278 -2.71 -19.20 -3.26
C ALA E 278 -3.78 -20.28 -3.29
N THR E 279 -4.09 -20.89 -2.15
CA THR E 279 -5.15 -21.89 -2.05
C THR E 279 -5.93 -21.72 -0.77
N CYS E 280 -7.17 -22.19 -0.78
CA CYS E 280 -8.02 -22.32 0.39
C CYS E 280 -8.37 -23.78 0.61
N ARG E 281 -8.58 -24.15 1.87
CA ARG E 281 -8.88 -25.54 2.22
C ARG E 281 -9.93 -25.58 3.31
N LEU E 282 -10.71 -26.66 3.32
CA LEU E 282 -11.77 -26.89 4.30
C LEU E 282 -11.43 -28.11 5.13
N PHE E 283 -11.64 -28.00 6.44
CA PHE E 283 -11.32 -29.06 7.40
C PHE E 283 -12.56 -29.42 8.21
N ASP E 284 -12.64 -30.69 8.60
CA ASP E 284 -13.75 -31.22 9.37
C ASP E 284 -13.29 -31.56 10.78
N LEU E 285 -14.01 -31.05 11.78
CA LEU E 285 -13.64 -31.29 13.17
C LEU E 285 -13.74 -32.75 13.56
N ARG E 286 -14.82 -33.44 13.16
CA ARG E 286 -15.07 -34.81 13.59
C ARG E 286 -14.32 -35.85 12.78
N ALA E 287 -14.14 -35.64 11.48
CA ALA E 287 -13.31 -36.53 10.68
C ALA E 287 -11.83 -36.31 10.90
N ASP E 288 -11.42 -35.13 11.35
CA ASP E 288 -10.02 -34.82 11.62
C ASP E 288 -9.19 -34.96 10.35
N GLN E 289 -9.59 -34.25 9.30
CA GLN E 289 -9.00 -34.46 7.99
C GLN E 289 -9.40 -33.33 7.04
N GLU E 290 -8.56 -33.10 6.04
CA GLU E 290 -8.87 -32.14 4.99
C GLU E 290 -9.71 -32.82 3.91
N LEU E 291 -10.71 -32.10 3.39
CA LEU E 291 -11.63 -32.68 2.42
C LEU E 291 -12.06 -31.75 1.29
N MET E 292 -11.38 -30.62 1.09
CA MET E 292 -11.68 -29.77 -0.05
C MET E 292 -10.58 -28.73 -0.21
N THR E 293 -10.30 -28.39 -1.47
CA THR E 293 -9.33 -27.36 -1.83
C THR E 293 -9.92 -26.49 -2.93
N TYR E 294 -9.66 -25.18 -2.85
CA TYR E 294 -10.16 -24.21 -3.82
C TYR E 294 -8.97 -23.47 -4.42
N SER E 295 -8.72 -23.71 -5.71
CA SER E 295 -7.58 -23.11 -6.38
C SER E 295 -7.83 -23.10 -7.88
N HIS E 296 -7.03 -22.29 -8.59
CA HIS E 296 -7.10 -22.21 -10.03
C HIS E 296 -5.69 -21.97 -10.56
N ASP E 297 -5.45 -22.41 -11.79
CA ASP E 297 -4.09 -22.35 -12.36
C ASP E 297 -3.61 -20.91 -12.52
N ASN E 298 -4.49 -19.99 -12.94
CA ASN E 298 -4.09 -18.62 -13.24
C ASN E 298 -4.11 -17.70 -12.01
N ILE E 299 -4.11 -18.25 -10.80
CA ILE E 299 -4.05 -17.47 -9.57
C ILE E 299 -2.70 -17.74 -8.91
N ILE E 300 -1.93 -16.68 -8.70
CA ILE E 300 -0.62 -16.77 -8.08
C ILE E 300 -0.49 -15.98 -6.80
N CYS E 301 -1.37 -15.02 -6.53
CA CYS E 301 -1.31 -14.22 -5.32
C CYS E 301 -1.82 -15.00 -4.12
N GLY E 302 -1.62 -14.42 -2.94
CA GLY E 302 -2.05 -15.06 -1.70
C GLY E 302 -3.40 -14.58 -1.22
N ILE E 303 -3.97 -15.32 -0.26
CA ILE E 303 -5.25 -14.95 0.33
C ILE E 303 -5.01 -14.04 1.53
N THR E 304 -5.99 -13.17 1.80
CA THR E 304 -5.95 -12.27 2.95
C THR E 304 -7.17 -12.35 3.84
N SER E 305 -8.29 -12.86 3.35
CA SER E 305 -9.53 -12.88 4.12
C SER E 305 -10.36 -14.09 3.69
N VAL E 306 -11.25 -14.52 4.58
CA VAL E 306 -12.20 -15.59 4.31
C VAL E 306 -13.47 -15.32 5.11
N SER E 307 -14.61 -15.74 4.56
CA SER E 307 -15.89 -15.61 5.25
C SER E 307 -16.90 -16.52 4.59
N PHE E 308 -17.99 -16.78 5.32
CA PHE E 308 -19.08 -17.64 4.86
C PHE E 308 -20.38 -16.84 4.82
N SER E 309 -21.27 -17.21 3.91
CA SER E 309 -22.59 -16.63 3.89
C SER E 309 -23.44 -17.23 5.02
N LYS E 310 -24.70 -16.78 5.10
CA LYS E 310 -25.55 -17.20 6.20
C LYS E 310 -25.82 -18.70 6.17
N SER E 311 -26.09 -19.25 4.98
CA SER E 311 -26.38 -20.68 4.88
C SER E 311 -25.12 -21.52 4.80
N GLY E 312 -24.01 -20.95 4.33
CA GLY E 312 -22.76 -21.68 4.18
C GLY E 312 -22.50 -22.21 2.79
N ARG E 313 -23.35 -21.91 1.81
CA ARG E 313 -23.13 -22.40 0.46
C ARG E 313 -22.05 -21.60 -0.26
N LEU E 314 -21.84 -20.35 0.12
CA LEU E 314 -20.91 -19.45 -0.55
C LEU E 314 -19.71 -19.18 0.35
N LEU E 315 -18.53 -19.07 -0.26
CA LEU E 315 -17.29 -18.75 0.43
C LEU E 315 -16.64 -17.56 -0.27
N LEU E 316 -16.38 -16.51 0.49
CA LEU E 316 -15.83 -15.26 -0.04
C LEU E 316 -14.42 -15.06 0.52
N ALA E 317 -13.50 -14.63 -0.35
CA ALA E 317 -12.11 -14.48 0.01
C ALA E 317 -11.48 -13.30 -0.73
N GLY E 318 -10.58 -12.60 -0.04
CA GLY E 318 -9.86 -11.48 -0.62
C GLY E 318 -8.45 -11.87 -1.01
N TYR E 319 -7.91 -11.15 -2.00
CA TYR E 319 -6.64 -11.50 -2.63
C TYR E 319 -5.75 -10.27 -2.72
N ASP E 320 -4.44 -10.51 -2.90
CA ASP E 320 -3.49 -9.42 -3.08
C ASP E 320 -3.59 -8.77 -4.45
N ASP E 321 -4.36 -9.36 -5.37
CA ASP E 321 -4.63 -8.74 -6.66
C ASP E 321 -5.78 -7.74 -6.58
N PHE E 322 -6.16 -7.34 -5.35
CA PHE E 322 -7.35 -6.50 -5.08
C PHE E 322 -8.53 -6.89 -5.95
N ASN E 323 -8.84 -8.18 -5.96
CA ASN E 323 -10.11 -8.70 -6.41
C ASN E 323 -10.57 -9.75 -5.40
N CYS E 324 -11.89 -9.98 -5.36
CA CYS E 324 -12.49 -10.92 -4.44
C CYS E 324 -13.32 -11.93 -5.24
N ASN E 325 -13.11 -13.22 -4.95
CA ASN E 325 -13.76 -14.30 -5.66
C ASN E 325 -14.80 -14.96 -4.77
N VAL E 326 -15.91 -15.36 -5.39
CA VAL E 326 -16.99 -16.07 -4.71
C VAL E 326 -16.88 -17.54 -5.13
N TRP E 327 -16.74 -18.42 -4.16
CA TRP E 327 -16.52 -19.84 -4.40
C TRP E 327 -17.76 -20.62 -4.02
N ASP E 328 -18.12 -21.60 -4.84
CA ASP E 328 -19.12 -22.58 -4.47
C ASP E 328 -18.48 -23.58 -3.52
N ALA E 329 -18.69 -23.37 -2.22
CA ALA E 329 -17.98 -24.17 -1.22
C ALA E 329 -18.32 -25.65 -1.30
N LEU E 330 -19.43 -26.01 -1.94
CA LEU E 330 -19.91 -27.38 -1.97
C LEU E 330 -19.65 -28.08 -3.30
N LYS E 331 -19.42 -27.32 -4.37
CA LYS E 331 -19.01 -27.86 -5.67
C LYS E 331 -17.59 -27.47 -6.06
N ALA E 332 -16.99 -26.47 -5.39
CA ALA E 332 -15.61 -26.07 -5.57
C ALA E 332 -15.36 -25.26 -6.84
N ASP E 333 -16.40 -24.67 -7.42
CA ASP E 333 -16.27 -23.82 -8.59
C ASP E 333 -16.45 -22.35 -8.21
N ARG E 334 -15.98 -21.46 -9.09
CA ARG E 334 -16.12 -20.01 -8.88
C ARG E 334 -17.45 -19.55 -9.44
N ALA E 335 -18.20 -18.80 -8.64
CA ALA E 335 -19.52 -18.30 -9.02
C ALA E 335 -19.52 -16.83 -9.41
N GLY E 336 -18.47 -16.08 -9.08
CA GLY E 336 -18.44 -14.67 -9.43
C GLY E 336 -17.17 -14.02 -8.93
N VAL E 337 -17.08 -12.72 -9.20
CA VAL E 337 -15.94 -11.90 -8.78
C VAL E 337 -16.44 -10.51 -8.43
N LEU E 338 -15.81 -9.91 -7.42
CA LEU E 338 -16.07 -8.54 -7.01
C LEU E 338 -14.85 -7.69 -7.35
N ALA E 339 -15.07 -6.62 -8.10
CA ALA E 339 -14.00 -5.73 -8.54
C ALA E 339 -14.39 -4.29 -8.31
N GLY E 340 -13.38 -3.43 -8.16
CA GLY E 340 -13.64 -2.01 -7.91
C GLY E 340 -12.62 -1.35 -7.01
N HIS E 341 -11.89 -2.13 -6.22
CA HIS E 341 -10.75 -1.59 -5.49
C HIS E 341 -9.53 -1.52 -6.39
N ASP E 342 -8.57 -0.66 -6.03
CA ASP E 342 -7.34 -0.47 -6.79
C ASP E 342 -6.11 -0.63 -5.92
N ASN E 343 -6.25 -1.22 -4.73
CA ASN E 343 -5.11 -1.57 -3.91
C ASN E 343 -5.52 -2.70 -2.98
N ARG E 344 -4.52 -3.37 -2.41
CA ARG E 344 -4.66 -4.65 -1.70
C ARG E 344 -5.90 -4.70 -0.81
N VAL E 345 -6.72 -5.73 -1.01
CA VAL E 345 -7.89 -5.95 -0.18
C VAL E 345 -7.43 -6.55 1.14
N SER E 346 -7.82 -5.90 2.24
CA SER E 346 -7.27 -6.20 3.56
C SER E 346 -8.24 -6.88 4.51
N CYS E 347 -9.55 -6.62 4.40
CA CYS E 347 -10.52 -7.15 5.34
C CYS E 347 -11.85 -7.41 4.65
N LEU E 348 -12.69 -8.21 5.29
CA LEU E 348 -13.91 -8.71 4.69
C LEU E 348 -14.83 -9.22 5.79
N GLY E 349 -16.13 -8.94 5.65
CA GLY E 349 -17.09 -9.35 6.65
C GLY E 349 -18.52 -9.43 6.15
N VAL E 350 -19.31 -10.32 6.74
CA VAL E 350 -20.71 -10.54 6.36
C VAL E 350 -21.60 -10.24 7.56
N THR E 351 -22.75 -9.60 7.30
CA THR E 351 -23.64 -9.21 8.37
C THR E 351 -24.22 -10.42 9.08
N ASP E 352 -24.66 -10.20 10.33
CA ASP E 352 -25.17 -11.29 11.15
C ASP E 352 -26.44 -11.91 10.58
N ASP E 353 -27.16 -11.19 9.73
CA ASP E 353 -28.36 -11.70 9.08
C ASP E 353 -28.16 -11.95 7.58
N GLY E 354 -26.95 -11.80 7.06
CA GLY E 354 -26.67 -12.14 5.69
C GLY E 354 -27.23 -11.21 4.65
N MET E 355 -27.56 -9.97 5.02
CA MET E 355 -28.18 -9.05 4.08
C MET E 355 -27.16 -8.31 3.21
N ALA E 356 -25.92 -8.21 3.66
CA ALA E 356 -24.92 -7.45 2.92
C ALA E 356 -23.52 -7.94 3.27
N VAL E 357 -22.56 -7.53 2.45
CA VAL E 357 -21.14 -7.85 2.63
C VAL E 357 -20.34 -6.56 2.51
N ALA E 358 -19.37 -6.38 3.40
CA ALA E 358 -18.50 -5.21 3.40
C ALA E 358 -17.05 -5.65 3.24
N THR E 359 -16.28 -4.83 2.52
CA THR E 359 -14.86 -5.12 2.27
C THR E 359 -14.07 -3.83 2.40
N GLY E 360 -12.83 -3.96 2.86
CA GLY E 360 -11.91 -2.85 2.94
C GLY E 360 -10.67 -3.13 2.10
N SER E 361 -9.91 -2.06 1.87
CA SER E 361 -8.75 -2.15 1.00
C SER E 361 -7.73 -1.10 1.39
N TRP E 362 -6.53 -1.24 0.83
CA TRP E 362 -5.43 -0.32 1.12
C TRP E 362 -5.56 1.00 0.40
N ASP E 363 -6.56 1.16 -0.47
CA ASP E 363 -6.82 2.44 -1.12
C ASP E 363 -7.59 3.42 -0.22
N SER E 364 -7.87 3.03 1.03
CA SER E 364 -8.48 3.87 2.07
C SER E 364 -9.99 4.02 1.94
N PHE E 365 -10.64 3.22 1.09
CA PHE E 365 -12.10 3.22 0.98
C PHE E 365 -12.68 1.91 1.49
N LEU E 366 -13.98 1.92 1.78
CA LEU E 366 -14.71 0.76 2.24
C LEU E 366 -16.05 0.73 1.52
N LYS E 367 -16.45 -0.45 1.04
CA LYS E 367 -17.61 -0.61 0.18
C LYS E 367 -18.52 -1.71 0.71
N ILE E 368 -19.82 -1.58 0.44
CA ILE E 368 -20.83 -2.55 0.83
C ILE E 368 -21.47 -3.07 -0.45
N TRP E 369 -21.71 -4.38 -0.49
CA TRP E 369 -22.12 -5.08 -1.70
C TRP E 369 -23.43 -5.82 -1.47
N ASN E 370 -24.30 -5.74 -2.48
CA ASN E 370 -25.57 -6.46 -2.49
C ASN E 370 -26.47 -6.08 -1.31
#